data_4QSE
#
_entry.id   4QSE
#
_cell.length_a   36.088
_cell.length_b   67.538
_cell.length_c   75.960
_cell.angle_alpha   90.00
_cell.angle_beta   90.11
_cell.angle_gamma   90.74
#
_symmetry.space_group_name_H-M   'P 1'
#
loop_
_entity.id
_entity.type
_entity.pdbx_description
1 polymer 'ABC-TYPE SUGAR TRANSPORTER'
2 non-polymer GLYCEROL
3 water water
#
_entity_poly.entity_id   1
_entity_poly.type   'polypeptide(L)'
_entity_poly.pdbx_seq_one_letter_code
;MHHHHHHSSGVDLGTENLYFQSMEDVTLTLWSLDRDIQPAPNLIKEFNALNNGIKIEYRQLQFDDVVSESMRAYSTGNAP
DIIAIDNPNHAMFASRGAFLDVTDMIAKSDVIKTENYFPGPLKSVTWDGKYFGVPKATNTIALYYNKDLFKAAGLDAAKP
PQTWDELVDAARKLTNPAKNVYGISFSAKANEEGTFQFLPWAQMAGATYKNINTDGAVKALETWKTLLDEKLASPDTLTR
SQWDSTATFNAGNAAMAISGPWEIDRMLKDAKFDWGVTLLPVPTPDAPRSSAMGDYNWAIFSKTKHPAEAFKAIEFFASK
DKDMFKNFGQLPARSDIPVPPTGNALKDEALKTFVEQLKYAQPRGPSPEWPKISKAIQDAIQGALSGQMTPKAALDQAAE
KIKLVDG
;
_entity_poly.pdbx_strand_id   A,B
#
loop_
_chem_comp.id
_chem_comp.type
_chem_comp.name
_chem_comp.formula
GOL non-polymer GLYCEROL 'C3 H8 O3'
#
# COMPACT_ATOMS: atom_id res chain seq x y z
N ASP A 25 58.57 -11.66 -9.53
CA ASP A 25 57.42 -11.55 -8.59
C ASP A 25 56.65 -12.84 -8.48
N VAL A 26 56.06 -13.07 -7.31
CA VAL A 26 54.99 -14.07 -7.17
C VAL A 26 53.72 -13.42 -7.71
N THR A 27 53.09 -14.05 -8.70
CA THR A 27 51.86 -13.52 -9.27
C THR A 27 50.66 -14.32 -8.77
N LEU A 28 49.75 -13.63 -8.10
CA LEU A 28 48.49 -14.20 -7.61
C LEU A 28 47.37 -13.83 -8.55
N THR A 29 46.31 -14.66 -8.53
CA THR A 29 45.07 -14.35 -9.21
C THR A 29 43.96 -14.19 -8.18
N LEU A 30 43.06 -13.24 -8.44
CA LEU A 30 41.96 -12.95 -7.54
C LEU A 30 40.68 -12.72 -8.35
N TRP A 31 39.62 -13.41 -7.96
CA TRP A 31 38.32 -13.29 -8.61
C TRP A 31 37.32 -12.62 -7.67
N SER A 32 36.56 -11.68 -8.20
CA SER A 32 35.51 -11.00 -7.44
C SER A 32 34.49 -10.42 -8.41
N LEU A 33 33.29 -10.17 -7.91
CA LEU A 33 32.30 -9.43 -8.70
C LEU A 33 32.46 -7.92 -8.65
N ASP A 34 33.37 -7.42 -7.81
CA ASP A 34 33.53 -5.98 -7.67
C ASP A 34 33.79 -5.32 -9.02
N ARG A 35 33.00 -4.29 -9.28
CA ARG A 35 33.15 -3.49 -10.49
CA ARG A 35 33.15 -3.50 -10.48
C ARG A 35 34.42 -2.67 -10.40
N ASP A 36 34.83 -2.08 -11.52
CA ASP A 36 36.10 -1.40 -11.61
C ASP A 36 36.27 -0.30 -10.56
N ILE A 37 35.15 0.29 -10.15
CA ILE A 37 35.13 1.34 -9.14
C ILE A 37 34.80 0.85 -7.70
N GLN A 38 34.52 -0.43 -7.53
CA GLN A 38 34.26 -1.03 -6.19
C GLN A 38 35.59 -1.47 -5.56
N PRO A 39 35.58 -1.94 -4.29
CA PRO A 39 36.86 -2.06 -3.60
C PRO A 39 37.93 -2.97 -4.24
N ALA A 40 37.60 -4.20 -4.62
CA ALA A 40 38.66 -5.18 -4.91
C ALA A 40 39.70 -4.73 -5.95
N PRO A 41 39.28 -4.29 -7.16
CA PRO A 41 40.32 -3.95 -8.15
C PRO A 41 41.17 -2.73 -7.73
N ASN A 42 40.57 -1.84 -6.95
CA ASN A 42 41.29 -0.66 -6.48
C ASN A 42 42.28 -0.98 -5.36
N LEU A 43 41.87 -1.85 -4.44
CA LEU A 43 42.79 -2.40 -3.45
C LEU A 43 43.95 -3.14 -4.10
N ILE A 44 43.64 -3.88 -5.16
CA ILE A 44 44.68 -4.59 -5.90
C ILE A 44 45.70 -3.63 -6.49
N LYS A 45 45.21 -2.55 -7.11
CA LYS A 45 46.11 -1.58 -7.69
C LYS A 45 47.03 -0.96 -6.62
N GLU A 46 46.47 -0.67 -5.46
CA GLU A 46 47.25 -0.13 -4.36
C GLU A 46 48.30 -1.15 -3.88
N PHE A 47 47.88 -2.40 -3.74
CA PHE A 47 48.79 -3.49 -3.33
C PHE A 47 49.94 -3.65 -4.32
N ASN A 48 49.61 -3.69 -5.61
CA ASN A 48 50.61 -3.89 -6.64
C ASN A 48 51.65 -2.75 -6.65
N ALA A 49 51.21 -1.54 -6.32
CA ALA A 49 52.12 -0.38 -6.29
C ALA A 49 53.16 -0.48 -5.18
N LEU A 50 52.92 -1.33 -4.17
CA LEU A 50 53.92 -1.55 -3.11
C LEU A 50 55.24 -2.14 -3.62
N ASN A 51 55.19 -2.85 -4.74
CA ASN A 51 56.37 -3.52 -5.30
C ASN A 51 57.06 -4.38 -4.24
N ASN A 52 56.24 -5.16 -3.54
CA ASN A 52 56.69 -5.98 -2.39
C ASN A 52 57.04 -7.41 -2.77
N GLY A 53 57.21 -7.67 -4.06
CA GLY A 53 57.55 -9.00 -4.53
C GLY A 53 56.34 -9.84 -4.90
N ILE A 54 55.15 -9.29 -4.72
CA ILE A 54 53.89 -9.98 -5.03
C ILE A 54 53.08 -9.08 -5.95
N LYS A 55 52.47 -9.67 -6.97
CA LYS A 55 51.54 -8.96 -7.85
CA LYS A 55 51.53 -8.96 -7.84
C LYS A 55 50.24 -9.74 -7.93
N ILE A 56 49.12 -9.03 -8.05
CA ILE A 56 47.80 -9.67 -8.17
C ILE A 56 47.17 -9.30 -9.51
N GLU A 57 46.72 -10.32 -10.23
CA GLU A 57 45.95 -10.17 -11.45
C GLU A 57 44.48 -10.40 -11.12
N TYR A 58 43.65 -9.48 -11.54
CA TYR A 58 42.22 -9.48 -11.22
C TYR A 58 41.38 -10.04 -12.34
N ARG A 59 40.37 -10.82 -11.98
CA ARG A 59 39.30 -11.18 -12.92
CA ARG A 59 39.31 -11.16 -12.93
C ARG A 59 37.94 -10.83 -12.32
N GLN A 60 37.18 -10.00 -13.00
CA GLN A 60 35.83 -9.66 -12.60
C GLN A 60 34.86 -10.76 -13.04
N LEU A 61 34.11 -11.27 -12.07
CA LEU A 61 33.00 -12.19 -12.30
C LEU A 61 31.66 -11.44 -12.31
N GLN A 62 30.61 -12.10 -12.81
CA GLN A 62 29.23 -11.62 -12.63
C GLN A 62 28.63 -12.30 -11.41
N PHE A 63 27.75 -11.60 -10.70
CA PHE A 63 27.11 -12.15 -9.50
C PHE A 63 26.61 -13.58 -9.68
N ASP A 64 25.88 -13.80 -10.78
CA ASP A 64 25.21 -15.07 -11.06
C ASP A 64 26.18 -16.19 -11.43
N ASP A 65 27.42 -15.83 -11.72
CA ASP A 65 28.45 -16.79 -12.15
C ASP A 65 29.53 -17.08 -11.10
N VAL A 66 29.55 -16.37 -9.97
CA VAL A 66 30.65 -16.52 -9.03
C VAL A 66 30.76 -17.97 -8.53
N VAL A 67 29.65 -18.55 -8.10
CA VAL A 67 29.68 -19.88 -7.52
C VAL A 67 29.99 -20.96 -8.56
N SER A 68 29.32 -20.90 -9.70
CA SER A 68 29.43 -21.92 -10.75
C SER A 68 30.83 -21.94 -11.36
N GLU A 69 31.33 -20.76 -11.75
CA GLU A 69 32.68 -20.67 -12.30
C GLU A 69 33.74 -21.14 -11.33
N SER A 70 33.60 -20.79 -10.07
N SER A 70 33.60 -20.77 -10.06
CA SER A 70 34.66 -21.04 -9.11
CA SER A 70 34.59 -21.04 -9.04
C SER A 70 34.68 -22.50 -8.64
C SER A 70 34.67 -22.52 -8.67
N MET A 71 33.52 -23.14 -8.46
CA MET A 71 33.51 -24.58 -8.11
C MET A 71 34.00 -25.43 -9.28
N ARG A 72 33.60 -25.08 -10.50
CA ARG A 72 34.09 -25.77 -11.71
C ARG A 72 35.59 -25.62 -11.79
N ALA A 73 36.09 -24.40 -11.59
CA ALA A 73 37.52 -24.15 -11.64
C ALA A 73 38.25 -24.98 -10.60
N TYR A 74 37.73 -25.00 -9.38
CA TYR A 74 38.36 -25.80 -8.34
C TYR A 74 38.38 -27.29 -8.72
N SER A 75 37.24 -27.79 -9.19
CA SER A 75 37.11 -29.19 -9.61
C SER A 75 38.06 -29.57 -10.75
N THR A 76 38.37 -28.63 -11.63
CA THR A 76 39.23 -28.89 -12.77
C THR A 76 40.71 -28.61 -12.49
N GLY A 77 40.96 -28.01 -11.33
CA GLY A 77 42.31 -27.86 -10.85
C GLY A 77 42.96 -26.55 -11.20
N ASN A 78 42.16 -25.55 -11.58
CA ASN A 78 42.65 -24.20 -11.89
C ASN A 78 41.80 -23.05 -11.28
N ALA A 79 41.43 -23.23 -10.03
CA ALA A 79 40.85 -22.12 -9.28
C ALA A 79 41.88 -21.00 -9.10
N PRO A 80 41.42 -19.75 -8.88
CA PRO A 80 42.37 -18.68 -8.59
C PRO A 80 42.98 -18.86 -7.21
N ASP A 81 43.89 -17.99 -6.83
CA ASP A 81 44.43 -18.03 -5.49
C ASP A 81 43.41 -17.53 -4.46
N ILE A 82 42.75 -16.41 -4.78
CA ILE A 82 41.85 -15.71 -3.85
C ILE A 82 40.52 -15.47 -4.52
N ILE A 83 39.44 -15.56 -3.74
CA ILE A 83 38.13 -15.16 -4.20
C ILE A 83 37.42 -14.35 -3.12
N ALA A 84 36.55 -13.45 -3.54
CA ALA A 84 35.57 -12.82 -2.66
C ALA A 84 34.25 -13.50 -2.94
N ILE A 85 33.83 -14.34 -2.01
CA ILE A 85 32.67 -15.22 -2.16
CA ILE A 85 32.68 -15.24 -2.16
C ILE A 85 31.51 -14.68 -1.33
N ASP A 86 30.28 -14.82 -1.83
CA ASP A 86 29.13 -14.32 -1.08
C ASP A 86 29.01 -15.15 0.20
N ASN A 87 28.72 -14.51 1.33
CA ASN A 87 28.79 -15.23 2.59
C ASN A 87 27.91 -16.49 2.71
N PRO A 88 26.71 -16.53 2.10
CA PRO A 88 25.94 -17.77 2.21
C PRO A 88 26.53 -18.94 1.44
N ASN A 89 27.44 -18.67 0.52
CA ASN A 89 28.11 -19.70 -0.26
C ASN A 89 29.35 -20.28 0.39
N HIS A 90 29.83 -19.64 1.45
CA HIS A 90 31.11 -20.02 2.03
C HIS A 90 31.11 -21.47 2.49
N ALA A 91 30.05 -21.89 3.17
CA ALA A 91 30.01 -23.20 3.78
C ALA A 91 30.11 -24.33 2.75
N MET A 92 29.50 -24.15 1.59
CA MET A 92 29.60 -25.15 0.51
C MET A 92 31.06 -25.40 0.17
N PHE A 93 31.81 -24.32 -0.07
CA PHE A 93 33.20 -24.45 -0.47
C PHE A 93 34.04 -25.00 0.67
N ALA A 94 33.85 -24.47 1.87
CA ALA A 94 34.63 -24.88 3.02
C ALA A 94 34.41 -26.37 3.33
N SER A 95 33.16 -26.81 3.26
CA SER A 95 32.82 -28.20 3.58
C SER A 95 33.36 -29.20 2.55
N ARG A 96 33.54 -28.73 1.32
CA ARG A 96 34.02 -29.58 0.23
C ARG A 96 35.55 -29.58 0.10
N GLY A 97 36.25 -28.87 0.98
CA GLY A 97 37.72 -28.82 0.91
C GLY A 97 38.27 -27.86 -0.14
N ALA A 98 37.42 -27.02 -0.72
CA ALA A 98 37.86 -26.08 -1.75
C ALA A 98 38.65 -24.89 -1.21
N PHE A 99 38.47 -24.60 0.07
CA PHE A 99 39.13 -23.43 0.67
C PHE A 99 40.26 -23.84 1.62
N LEU A 100 41.31 -23.03 1.62
CA LEU A 100 42.42 -23.21 2.54
C LEU A 100 42.02 -22.91 3.98
N ASP A 101 42.43 -23.77 4.90
CA ASP A 101 42.29 -23.56 6.32
C ASP A 101 43.29 -22.48 6.73
N VAL A 102 42.76 -21.30 7.07
CA VAL A 102 43.59 -20.14 7.39
C VAL A 102 43.68 -19.90 8.90
N THR A 103 43.25 -20.88 9.71
CA THR A 103 43.25 -20.73 11.17
C THR A 103 44.61 -20.32 11.72
N ASP A 104 45.66 -21.05 11.36
CA ASP A 104 46.99 -20.77 11.90
C ASP A 104 47.57 -19.44 11.39
N MET A 105 47.33 -19.10 10.13
CA MET A 105 47.81 -17.83 9.59
C MET A 105 47.09 -16.66 10.28
N ILE A 106 45.80 -16.81 10.55
CA ILE A 106 45.05 -15.78 11.30
C ILE A 106 45.63 -15.64 12.71
N ALA A 107 45.88 -16.77 13.38
CA ALA A 107 46.44 -16.73 14.73
C ALA A 107 47.77 -15.98 14.79
N LYS A 108 48.60 -16.18 13.77
CA LYS A 108 49.92 -15.56 13.73
C LYS A 108 49.85 -14.08 13.34
N SER A 109 48.81 -13.71 12.60
CA SER A 109 48.66 -12.34 12.12
C SER A 109 48.46 -11.31 13.24
N ASP A 110 49.09 -10.15 13.06
CA ASP A 110 48.82 -8.98 13.90
C ASP A 110 47.78 -8.06 13.24
N VAL A 111 47.66 -8.16 11.92
CA VAL A 111 46.76 -7.31 11.17
C VAL A 111 45.32 -7.83 11.31
N ILE A 112 45.15 -9.13 11.14
CA ILE A 112 43.85 -9.76 11.23
C ILE A 112 43.66 -10.41 12.60
N LYS A 113 42.60 -10.01 13.31
CA LYS A 113 42.29 -10.54 14.64
C LYS A 113 40.83 -10.96 14.64
N THR A 114 40.54 -12.18 15.11
CA THR A 114 39.17 -12.67 15.04
C THR A 114 38.22 -11.83 15.89
N GLU A 115 38.73 -11.27 16.99
CA GLU A 115 37.90 -10.45 17.86
C GLU A 115 37.44 -9.16 17.19
N ASN A 116 38.10 -8.79 16.09
CA ASN A 116 37.72 -7.56 15.36
C ASN A 116 36.38 -7.70 14.66
N TYR A 117 35.97 -8.94 14.37
CA TYR A 117 34.85 -9.17 13.45
C TYR A 117 33.53 -9.34 14.19
N PHE A 118 32.46 -8.80 13.60
CA PHE A 118 31.11 -9.15 14.05
C PHE A 118 30.90 -10.66 14.03
N PRO A 119 30.09 -11.21 14.96
CA PRO A 119 30.01 -12.67 15.08
C PRO A 119 29.38 -13.36 13.86
N GLY A 120 28.40 -12.73 13.22
CA GLY A 120 27.77 -13.34 12.05
C GLY A 120 28.72 -13.52 10.87
N PRO A 121 29.40 -12.43 10.48
CA PRO A 121 30.39 -12.55 9.41
C PRO A 121 31.48 -13.57 9.76
N LEU A 122 31.98 -13.53 10.98
CA LEU A 122 33.02 -14.48 11.38
C LEU A 122 32.54 -15.92 11.30
N LYS A 123 31.35 -16.18 11.84
CA LYS A 123 30.80 -17.54 11.78
C LYS A 123 30.65 -18.01 10.34
N SER A 124 30.35 -17.10 9.41
CA SER A 124 30.14 -17.51 8.03
C SER A 124 31.41 -18.06 7.34
N VAL A 125 32.60 -17.73 7.85
CA VAL A 125 33.84 -18.28 7.29
C VAL A 125 34.31 -19.53 8.00
N THR A 126 33.58 -19.95 9.03
CA THR A 126 33.97 -21.09 9.83
C THR A 126 33.31 -22.37 9.33
N TRP A 127 34.05 -23.46 9.47
CA TRP A 127 33.50 -24.78 9.22
C TRP A 127 34.30 -25.79 10.04
N ASP A 128 33.60 -26.67 10.74
CA ASP A 128 34.28 -27.72 11.53
C ASP A 128 35.28 -27.14 12.54
N GLY A 129 34.92 -26.02 13.15
CA GLY A 129 35.79 -25.35 14.13
C GLY A 129 37.11 -24.82 13.57
N LYS A 130 37.13 -24.56 12.27
CA LYS A 130 38.29 -23.99 11.59
C LYS A 130 37.84 -22.74 10.81
N TYR A 131 38.76 -21.81 10.63
CA TYR A 131 38.51 -20.67 9.75
C TYR A 131 38.94 -20.94 8.32
N PHE A 132 38.04 -20.70 7.38
CA PHE A 132 38.27 -20.90 5.96
C PHE A 132 38.13 -19.61 5.16
N GLY A 133 38.33 -18.48 5.82
CA GLY A 133 38.36 -17.20 5.12
C GLY A 133 38.42 -16.07 6.13
N VAL A 134 38.30 -14.84 5.63
CA VAL A 134 38.31 -13.62 6.42
C VAL A 134 37.21 -12.74 5.84
N PRO A 135 36.26 -12.28 6.67
CA PRO A 135 35.21 -11.43 6.10
C PRO A 135 35.77 -10.22 5.35
N LYS A 136 35.14 -9.91 4.20
CA LYS A 136 35.51 -8.73 3.41
C LYS A 136 34.73 -7.50 3.85
N ALA A 137 33.41 -7.63 3.89
CA ALA A 137 32.51 -6.54 4.27
C ALA A 137 31.22 -7.16 4.78
N THR A 138 30.30 -6.31 5.21
CA THR A 138 28.98 -6.78 5.65
C THR A 138 27.93 -5.74 5.24
N ASN A 139 26.69 -6.20 5.07
CA ASN A 139 25.63 -5.27 4.70
C ASN A 139 24.28 -5.86 4.99
N THR A 140 23.26 -5.03 4.79
CA THR A 140 21.90 -5.54 4.62
C THR A 140 21.15 -4.52 3.79
N ILE A 141 19.86 -4.71 3.59
CA ILE A 141 19.07 -3.79 2.77
C ILE A 141 18.19 -2.90 3.62
N ALA A 142 17.82 -1.76 3.05
CA ALA A 142 17.01 -0.75 3.71
C ALA A 142 16.17 -0.02 2.67
N LEU A 143 15.35 0.92 3.10
CA LEU A 143 14.40 1.61 2.21
C LEU A 143 14.86 3.04 1.89
N TYR A 144 15.33 3.22 0.66
CA TYR A 144 15.61 4.55 0.12
C TYR A 144 14.32 5.20 -0.34
N TYR A 145 14.23 6.51 -0.18
CA TYR A 145 13.04 7.22 -0.64
C TYR A 145 13.42 8.61 -1.18
N ASN A 146 12.73 9.00 -2.24
CA ASN A 146 12.93 10.30 -2.90
C ASN A 146 12.04 11.32 -2.19
N LYS A 147 12.66 12.20 -1.43
CA LYS A 147 11.95 13.14 -0.60
C LYS A 147 11.23 14.19 -1.43
N ASP A 148 11.78 14.50 -2.60
CA ASP A 148 11.12 15.48 -3.50
C ASP A 148 9.83 14.91 -4.09
N LEU A 149 9.84 13.63 -4.43
CA LEU A 149 8.59 12.99 -4.87
C LEU A 149 7.59 12.79 -3.74
N PHE A 150 8.08 12.49 -2.53
CA PHE A 150 7.20 12.49 -1.36
C PHE A 150 6.50 13.85 -1.20
N LYS A 151 7.29 14.93 -1.20
CA LYS A 151 6.73 16.27 -1.03
C LYS A 151 5.69 16.57 -2.11
N ALA A 152 6.03 16.26 -3.36
CA ALA A 152 5.14 16.56 -4.49
C ALA A 152 3.80 15.83 -4.40
N ALA A 153 3.81 14.63 -3.82
CA ALA A 153 2.59 13.84 -3.64
C ALA A 153 1.77 14.28 -2.43
N GLY A 154 2.28 15.25 -1.65
CA GLY A 154 1.63 15.67 -0.42
C GLY A 154 1.94 14.79 0.76
N LEU A 155 2.95 13.91 0.64
CA LEU A 155 3.40 13.05 1.74
C LEU A 155 4.42 13.79 2.60
N ASP A 156 4.66 13.28 3.81
CA ASP A 156 5.59 13.91 4.74
C ASP A 156 6.95 13.24 4.59
N ALA A 157 7.88 13.95 3.94
CA ALA A 157 9.22 13.41 3.67
C ALA A 157 10.03 13.18 4.95
N ALA A 158 9.60 13.76 6.07
CA ALA A 158 10.23 13.54 7.36
C ALA A 158 9.69 12.28 8.07
N LYS A 159 8.64 11.68 7.52
CA LYS A 159 7.97 10.56 8.18
C LYS A 159 7.75 9.45 7.16
N PRO A 160 8.84 8.81 6.73
CA PRO A 160 8.67 7.73 5.76
C PRO A 160 7.87 6.54 6.35
N PRO A 161 7.39 5.64 5.49
CA PRO A 161 6.54 4.56 5.96
C PRO A 161 7.22 3.69 7.03
N GLN A 162 6.43 3.31 8.02
CA GLN A 162 6.87 2.44 9.14
C GLN A 162 6.33 1.02 9.09
N THR A 163 5.22 0.82 8.39
CA THR A 163 4.55 -0.46 8.33
C THR A 163 4.31 -0.83 6.87
N TRP A 164 3.99 -2.10 6.64
CA TRP A 164 3.74 -2.56 5.27
C TRP A 164 2.52 -1.83 4.68
N ASP A 165 1.45 -1.66 5.47
CA ASP A 165 0.29 -0.93 4.98
C ASP A 165 0.67 0.49 4.57
N GLU A 166 1.47 1.17 5.38
CA GLU A 166 1.92 2.52 5.05
C GLU A 166 2.79 2.53 3.79
N LEU A 167 3.65 1.52 3.67
CA LEU A 167 4.52 1.40 2.52
C LEU A 167 3.74 1.22 1.22
N VAL A 168 2.77 0.32 1.26
CA VAL A 168 1.98 0.05 0.08
C VAL A 168 1.10 1.26 -0.27
N ASP A 169 0.51 1.91 0.73
CA ASP A 169 -0.28 3.10 0.50
C ASP A 169 0.58 4.20 -0.14
N ALA A 170 1.78 4.44 0.41
CA ALA A 170 2.68 5.42 -0.18
C ALA A 170 3.03 5.04 -1.63
N ALA A 171 3.33 3.77 -1.84
CA ALA A 171 3.65 3.29 -3.18
C ALA A 171 2.51 3.55 -4.16
N ARG A 172 1.27 3.35 -3.73
CA ARG A 172 0.11 3.68 -4.59
C ARG A 172 0.10 5.17 -4.94
N LYS A 173 0.19 6.02 -3.92
CA LYS A 173 0.17 7.47 -4.14
CA LYS A 173 0.15 7.46 -4.15
C LYS A 173 1.29 7.95 -5.06
N LEU A 174 2.46 7.32 -4.94
CA LEU A 174 3.65 7.72 -5.70
C LEU A 174 3.69 7.09 -7.10
N THR A 175 2.84 6.11 -7.38
CA THR A 175 2.80 5.48 -8.70
C THR A 175 2.03 6.40 -9.66
N ASN A 176 2.74 6.88 -10.68
CA ASN A 176 2.25 7.91 -11.60
C ASN A 176 2.79 7.57 -12.99
N PRO A 177 2.13 6.64 -13.70
CA PRO A 177 2.64 6.28 -15.03
C PRO A 177 2.76 7.44 -16.01
N ALA A 178 1.91 8.46 -15.89
CA ALA A 178 1.98 9.64 -16.77
C ALA A 178 3.28 10.41 -16.63
N LYS A 179 3.91 10.29 -15.46
CA LYS A 179 5.21 10.90 -15.20
C LYS A 179 6.34 9.86 -15.15
N ASN A 180 6.06 8.63 -15.59
CA ASN A 180 7.09 7.56 -15.66
C ASN A 180 7.67 7.21 -14.30
N VAL A 181 6.81 7.18 -13.29
CA VAL A 181 7.27 6.87 -11.92
C VAL A 181 6.51 5.67 -11.35
N TYR A 182 7.26 4.65 -10.94
CA TYR A 182 6.72 3.59 -10.09
C TYR A 182 6.89 4.00 -8.63
N GLY A 183 5.95 3.59 -7.77
CA GLY A 183 6.08 3.88 -6.34
C GLY A 183 7.31 3.28 -5.68
N ILE A 184 7.71 2.09 -6.14
CA ILE A 184 8.81 1.38 -5.50
C ILE A 184 9.60 0.56 -6.50
N SER A 185 10.86 0.34 -6.19
CA SER A 185 11.72 -0.58 -6.91
C SER A 185 12.37 -1.54 -5.93
N PHE A 186 12.53 -2.77 -6.38
CA PHE A 186 13.21 -3.81 -5.59
C PHE A 186 13.62 -4.93 -6.53
N SER A 187 14.04 -6.08 -6.01
CA SER A 187 14.35 -7.20 -6.86
C SER A 187 13.71 -8.49 -6.37
N ALA A 188 13.03 -9.18 -7.27
CA ALA A 188 12.50 -10.52 -7.04
C ALA A 188 13.16 -11.53 -8.00
N LYS A 189 14.37 -11.22 -8.45
CA LYS A 189 15.08 -12.01 -9.46
C LYS A 189 15.28 -13.44 -9.01
N ALA A 190 15.20 -14.38 -9.95
CA ALA A 190 15.40 -15.80 -9.67
C ALA A 190 16.89 -16.12 -9.54
N ASN A 191 17.48 -15.58 -8.48
CA ASN A 191 18.87 -15.78 -8.11
C ASN A 191 18.97 -15.45 -6.62
N GLU A 192 20.17 -15.42 -6.09
CA GLU A 192 20.33 -15.18 -4.66
C GLU A 192 19.78 -13.82 -4.23
N GLU A 193 19.77 -12.85 -5.14
CA GLU A 193 19.22 -11.53 -4.83
C GLU A 193 17.73 -11.58 -4.44
N GLY A 194 16.95 -12.37 -5.17
CA GLY A 194 15.53 -12.48 -4.84
C GLY A 194 15.30 -13.05 -3.45
N THR A 195 16.07 -14.09 -3.12
CA THR A 195 16.03 -14.66 -1.77
C THR A 195 16.43 -13.65 -0.71
N PHE A 196 17.53 -12.94 -0.98
CA PHE A 196 18.04 -11.92 -0.07
C PHE A 196 17.03 -10.80 0.16
N GLN A 197 16.30 -10.45 -0.88
CA GLN A 197 15.26 -9.42 -0.81
C GLN A 197 13.99 -9.90 -0.10
N PHE A 198 13.62 -11.18 -0.25
CA PHE A 198 12.38 -11.71 0.32
C PHE A 198 12.51 -12.08 1.79
N LEU A 199 13.63 -12.68 2.17
CA LEU A 199 13.80 -13.15 3.54
C LEU A 199 13.46 -12.12 4.63
N PRO A 200 13.83 -10.83 4.45
CA PRO A 200 13.46 -9.86 5.48
C PRO A 200 11.95 -9.80 5.72
N TRP A 201 11.16 -9.83 4.64
CA TRP A 201 9.71 -9.72 4.76
C TRP A 201 9.17 -10.95 5.49
N ALA A 202 9.64 -12.12 5.09
CA ALA A 202 9.20 -13.36 5.75
C ALA A 202 9.62 -13.39 7.23
N GLN A 203 10.85 -12.97 7.49
CA GLN A 203 11.37 -12.98 8.86
C GLN A 203 10.67 -12.01 9.78
N MET A 204 10.37 -10.81 9.30
CA MET A 204 9.62 -9.86 10.10
C MET A 204 8.24 -10.39 10.48
N ALA A 205 7.65 -11.21 9.61
CA ALA A 205 6.35 -11.81 9.86
C ALA A 205 6.45 -13.14 10.62
N GLY A 206 7.64 -13.51 11.09
CA GLY A 206 7.82 -14.65 11.99
C GLY A 206 8.33 -15.93 11.38
N ALA A 207 8.58 -15.95 10.06
CA ALA A 207 9.11 -17.11 9.37
C ALA A 207 10.65 -17.11 9.35
N THR A 208 11.21 -18.22 8.91
CA THR A 208 12.65 -18.29 8.61
C THR A 208 12.79 -19.15 7.37
N TYR A 209 14.02 -19.26 6.84
CA TYR A 209 14.21 -20.19 5.72
C TYR A 209 13.89 -21.65 6.08
N LYS A 210 14.04 -21.98 7.36
CA LYS A 210 13.69 -23.33 7.89
C LYS A 210 12.19 -23.56 8.06
N ASN A 211 11.40 -22.49 8.03
CA ASN A 211 9.95 -22.57 8.18
C ASN A 211 9.35 -21.45 7.31
N ILE A 212 9.49 -21.59 5.99
CA ILE A 212 9.22 -20.48 5.06
C ILE A 212 7.76 -20.42 4.62
N ASN A 213 6.94 -21.34 5.13
CA ASN A 213 5.52 -21.41 4.74
C ASN A 213 4.54 -21.09 5.87
N THR A 214 4.98 -20.33 6.87
CA THR A 214 4.07 -19.84 7.89
C THR A 214 3.06 -18.87 7.29
N ASP A 215 1.97 -18.64 8.01
CA ASP A 215 0.98 -17.68 7.56
C ASP A 215 1.62 -16.31 7.32
N GLY A 216 2.59 -15.95 8.15
CA GLY A 216 3.28 -14.67 7.99
C GLY A 216 4.08 -14.60 6.70
N ALA A 217 4.77 -15.68 6.36
CA ALA A 217 5.49 -15.71 5.09
C ALA A 217 4.53 -15.60 3.90
N VAL A 218 3.38 -16.25 4.00
CA VAL A 218 2.36 -16.14 2.96
C VAL A 218 1.90 -14.68 2.80
N LYS A 219 1.69 -14.00 3.93
CA LYS A 219 1.31 -12.59 3.90
C LYS A 219 2.39 -11.75 3.24
N ALA A 220 3.64 -12.05 3.54
CA ALA A 220 4.77 -11.34 2.90
C ALA A 220 4.70 -11.50 1.39
N LEU A 221 4.52 -12.73 0.93
CA LEU A 221 4.49 -12.99 -0.51
C LEU A 221 3.24 -12.39 -1.17
N GLU A 222 2.10 -12.40 -0.47
CA GLU A 222 0.90 -11.70 -0.93
C GLU A 222 1.15 -10.21 -1.07
N THR A 223 1.98 -9.66 -0.19
CA THR A 223 2.30 -8.23 -0.25
C THR A 223 3.16 -7.92 -1.48
N TRP A 224 4.13 -8.78 -1.76
CA TRP A 224 4.89 -8.67 -3.01
C TRP A 224 3.96 -8.77 -4.21
N LYS A 225 3.00 -9.69 -4.16
CA LYS A 225 2.05 -9.84 -5.27
C LYS A 225 1.27 -8.54 -5.45
N THR A 226 0.88 -7.89 -4.35
CA THR A 226 0.19 -6.60 -4.45
C THR A 226 1.06 -5.55 -5.18
N LEU A 227 2.35 -5.49 -4.84
CA LEU A 227 3.21 -4.50 -5.47
C LEU A 227 3.27 -4.70 -6.98
N LEU A 228 3.32 -5.96 -7.43
CA LEU A 228 3.38 -6.25 -8.85
CA LEU A 228 3.39 -6.27 -8.86
C LEU A 228 2.03 -6.17 -9.54
N ASP A 229 1.01 -6.76 -8.91
CA ASP A 229 -0.35 -6.77 -9.47
C ASP A 229 -0.91 -5.38 -9.71
N GLU A 230 -0.64 -4.48 -8.78
CA GLU A 230 -1.14 -3.11 -8.88
C GLU A 230 -0.17 -2.19 -9.62
N LYS A 231 0.89 -2.78 -10.17
CA LYS A 231 1.88 -2.03 -10.98
C LYS A 231 2.52 -0.90 -10.19
N LEU A 232 2.75 -1.19 -8.92
CA LEU A 232 3.47 -0.26 -8.02
C LEU A 232 4.97 -0.38 -8.19
N ALA A 233 5.40 -1.53 -8.70
CA ALA A 233 6.77 -1.82 -9.08
C ALA A 233 6.75 -2.34 -10.49
N SER A 234 7.86 -2.17 -11.20
CA SER A 234 7.99 -2.61 -12.58
C SER A 234 7.81 -4.11 -12.72
N PRO A 235 7.23 -4.58 -13.84
CA PRO A 235 7.24 -6.02 -14.08
C PRO A 235 8.67 -6.59 -14.18
N ASP A 236 9.65 -5.74 -14.50
CA ASP A 236 11.02 -6.19 -14.60
C ASP A 236 11.60 -6.57 -13.23
N THR A 237 10.91 -6.24 -12.14
CA THR A 237 11.29 -6.72 -10.82
C THR A 237 11.56 -8.21 -10.78
N LEU A 238 10.83 -8.96 -11.60
CA LEU A 238 10.96 -10.42 -11.63
C LEU A 238 12.30 -10.92 -12.18
N THR A 239 12.98 -10.08 -12.97
CA THR A 239 14.20 -10.48 -13.68
C THR A 239 15.38 -9.53 -13.52
N ARG A 240 15.23 -8.46 -12.74
CA ARG A 240 16.21 -7.38 -12.71
C ARG A 240 16.98 -7.41 -11.39
N SER A 241 18.27 -7.15 -11.48
CA SER A 241 19.13 -7.08 -10.29
C SER A 241 18.81 -5.89 -9.41
N GLN A 242 19.28 -5.98 -8.17
CA GLN A 242 19.11 -4.87 -7.22
C GLN A 242 19.76 -3.58 -7.77
N TRP A 243 20.98 -3.73 -8.29
CA TRP A 243 21.73 -2.64 -8.90
C TRP A 243 20.95 -2.00 -10.05
N ASP A 244 20.41 -2.82 -10.93
CA ASP A 244 19.69 -2.26 -12.10
C ASP A 244 18.33 -1.68 -11.70
N SER A 245 17.69 -2.27 -10.69
CA SER A 245 16.47 -1.67 -10.17
C SER A 245 16.75 -0.28 -9.54
N THR A 246 17.83 -0.19 -8.79
CA THR A 246 18.13 1.07 -8.09
C THR A 246 18.56 2.16 -9.07
N ALA A 247 19.11 1.76 -10.22
CA ALA A 247 19.40 2.74 -11.27
C ALA A 247 18.14 3.51 -11.66
N THR A 248 16.97 2.83 -11.64
CA THR A 248 15.72 3.50 -11.99
C THR A 248 15.28 4.49 -10.92
N PHE A 249 15.57 4.17 -9.65
CA PHE A 249 15.39 5.12 -8.55
C PHE A 249 16.29 6.34 -8.75
N ASN A 250 17.57 6.11 -9.02
CA ASN A 250 18.52 7.21 -9.23
C ASN A 250 18.08 8.15 -10.35
N ALA A 251 17.45 7.60 -11.40
CA ALA A 251 16.99 8.39 -12.52
C ALA A 251 15.66 9.10 -12.28
N GLY A 252 15.01 8.85 -11.15
CA GLY A 252 13.74 9.48 -10.83
C GLY A 252 12.54 8.72 -11.35
N ASN A 253 12.72 7.47 -11.74
CA ASN A 253 11.65 6.64 -12.29
C ASN A 253 11.01 5.66 -11.30
N ALA A 254 11.52 5.65 -10.07
CA ALA A 254 10.91 4.91 -8.96
C ALA A 254 11.07 5.76 -7.72
N ALA A 255 10.01 5.93 -6.93
CA ALA A 255 10.01 6.87 -5.81
C ALA A 255 10.70 6.33 -4.56
N MET A 256 10.84 5.02 -4.48
CA MET A 256 11.45 4.34 -3.35
C MET A 256 12.26 3.18 -3.91
N ALA A 257 13.24 2.70 -3.15
CA ALA A 257 14.08 1.56 -3.57
C ALA A 257 14.50 0.77 -2.35
N ILE A 258 14.38 -0.55 -2.44
CA ILE A 258 14.93 -1.42 -1.42
C ILE A 258 16.25 -1.97 -1.92
N SER A 259 17.34 -1.55 -1.29
CA SER A 259 18.66 -2.01 -1.70
C SER A 259 19.68 -1.75 -0.58
N GLY A 260 20.96 -2.01 -0.90
CA GLY A 260 22.01 -2.02 0.12
C GLY A 260 22.93 -0.81 0.07
N PRO A 261 23.92 -0.78 0.97
CA PRO A 261 24.85 0.36 1.02
C PRO A 261 25.73 0.49 -0.20
N TRP A 262 25.87 -0.61 -0.96
CA TRP A 262 26.64 -0.62 -2.21
C TRP A 262 26.08 0.38 -3.23
N GLU A 263 24.87 0.90 -3.00
CA GLU A 263 24.26 1.90 -3.88
C GLU A 263 24.71 3.33 -3.58
N ILE A 264 25.24 3.56 -2.38
CA ILE A 264 25.39 4.93 -1.87
C ILE A 264 26.23 5.84 -2.76
N ASP A 265 27.43 5.40 -3.09
CA ASP A 265 28.33 6.29 -3.82
C ASP A 265 27.79 6.65 -5.20
N ARG A 266 27.22 5.68 -5.89
CA ARG A 266 26.62 5.94 -7.21
C ARG A 266 25.41 6.86 -7.07
N MET A 267 24.59 6.62 -6.04
CA MET A 267 23.40 7.44 -5.79
C MET A 267 23.77 8.90 -5.52
N LEU A 268 24.83 9.11 -4.74
CA LEU A 268 25.31 10.47 -4.52
C LEU A 268 25.70 11.19 -5.81
N LYS A 269 26.30 10.44 -6.73
CA LYS A 269 26.75 10.99 -8.00
CA LYS A 269 26.74 10.99 -8.01
C LYS A 269 25.60 11.22 -8.98
N ASP A 270 24.64 10.30 -8.99
CA ASP A 270 23.62 10.25 -10.03
C ASP A 270 22.23 10.76 -9.68
N ALA A 271 21.81 10.61 -8.42
CA ALA A 271 20.46 11.03 -8.04
C ALA A 271 20.39 12.54 -7.88
N LYS A 272 19.57 13.19 -8.72
CA LYS A 272 19.46 14.64 -8.75
C LYS A 272 18.18 15.07 -8.03
N PHE A 273 18.06 14.61 -6.80
CA PHE A 273 16.94 14.91 -5.91
C PHE A 273 17.39 14.67 -4.48
N ASP A 274 16.66 15.23 -3.53
CA ASP A 274 16.89 14.98 -2.11
C ASP A 274 16.29 13.61 -1.77
N TRP A 275 17.02 12.83 -0.96
CA TRP A 275 16.58 11.49 -0.61
C TRP A 275 16.95 11.17 0.82
N GLY A 276 16.32 10.12 1.33
CA GLY A 276 16.63 9.59 2.64
C GLY A 276 16.65 8.09 2.58
N VAL A 277 16.98 7.49 3.72
CA VAL A 277 16.95 6.04 3.82
C VAL A 277 16.49 5.71 5.22
N THR A 278 15.60 4.73 5.34
CA THR A 278 15.05 4.35 6.63
C THR A 278 15.02 2.83 6.75
N LEU A 279 14.73 2.36 7.95
CA LEU A 279 14.61 0.93 8.21
C LEU A 279 13.50 0.31 7.37
N LEU A 280 13.64 -0.96 7.07
CA LEU A 280 12.57 -1.66 6.33
C LEU A 280 11.28 -1.64 7.17
N PRO A 281 10.15 -1.23 6.57
CA PRO A 281 8.89 -1.24 7.29
C PRO A 281 8.49 -2.62 7.79
N VAL A 282 7.76 -2.65 8.89
CA VAL A 282 7.36 -3.89 9.57
C VAL A 282 5.89 -4.24 9.30
N PRO A 283 5.51 -5.51 9.45
CA PRO A 283 4.18 -5.91 8.98
C PRO A 283 3.00 -5.38 9.79
N THR A 284 3.21 -5.17 11.07
CA THR A 284 2.18 -4.58 11.92
C THR A 284 2.89 -3.57 12.80
N PRO A 285 2.13 -2.62 13.39
CA PRO A 285 2.81 -1.64 14.19
C PRO A 285 3.62 -2.32 15.29
N ASP A 286 4.87 -1.94 15.36
CA ASP A 286 5.81 -2.47 16.38
C ASP A 286 6.13 -3.97 16.30
N ALA A 287 5.89 -4.58 15.13
CA ALA A 287 6.43 -5.90 14.82
C ALA A 287 7.95 -5.82 14.69
N PRO A 288 8.64 -6.97 14.81
CA PRO A 288 10.10 -6.92 14.85
C PRO A 288 10.74 -6.53 13.51
N ARG A 289 11.78 -5.70 13.56
CA ARG A 289 12.62 -5.47 12.39
C ARG A 289 13.48 -6.70 12.15
N SER A 290 13.73 -7.00 10.89
CA SER A 290 14.58 -8.14 10.52
C SER A 290 15.01 -8.04 9.06
N SER A 291 16.17 -8.61 8.77
CA SER A 291 16.64 -8.70 7.38
C SER A 291 17.75 -9.74 7.32
N ALA A 292 18.32 -9.95 6.13
CA ALA A 292 19.38 -10.93 5.94
C ALA A 292 20.74 -10.27 5.89
N MET A 293 21.73 -11.00 6.40
CA MET A 293 23.11 -10.53 6.44
C MET A 293 23.76 -10.70 5.06
N GLY A 294 24.17 -9.58 4.47
CA GLY A 294 24.77 -9.60 3.16
C GLY A 294 26.27 -9.44 3.16
N ASP A 295 26.82 -9.56 1.96
CA ASP A 295 28.19 -9.21 1.60
C ASP A 295 29.13 -10.42 1.68
N TYR A 296 30.39 -10.17 1.34
CA TYR A 296 31.33 -11.18 0.89
C TYR A 296 32.42 -11.44 1.89
N ASN A 297 33.05 -12.61 1.70
CA ASN A 297 34.21 -13.06 2.46
C ASN A 297 35.40 -13.30 1.53
N TRP A 298 36.58 -12.91 1.99
CA TRP A 298 37.80 -13.35 1.33
C TRP A 298 38.05 -14.82 1.63
N ALA A 299 38.52 -15.55 0.62
CA ALA A 299 38.94 -16.94 0.82
C ALA A 299 40.11 -17.24 -0.11
N ILE A 300 40.93 -18.18 0.33
CA ILE A 300 42.06 -18.70 -0.46
C ILE A 300 41.69 -20.12 -0.89
N PHE A 301 41.87 -20.45 -2.16
CA PHE A 301 41.56 -21.83 -2.60
C PHE A 301 42.63 -22.79 -2.09
N SER A 302 42.23 -24.02 -1.79
CA SER A 302 43.07 -24.91 -0.97
C SER A 302 44.35 -25.39 -1.64
N LYS A 303 44.42 -25.34 -2.97
CA LYS A 303 45.62 -25.84 -3.70
C LYS A 303 46.48 -24.70 -4.22
N THR A 304 46.29 -23.51 -3.67
CA THR A 304 47.18 -22.41 -4.02
C THR A 304 48.62 -22.82 -3.81
N LYS A 305 49.48 -22.40 -4.75
CA LYS A 305 50.92 -22.60 -4.62
C LYS A 305 51.58 -21.49 -3.77
N HIS A 306 50.78 -20.50 -3.35
CA HIS A 306 51.32 -19.32 -2.68
C HIS A 306 50.47 -18.91 -1.49
N PRO A 307 50.29 -19.83 -0.52
CA PRO A 307 49.39 -19.51 0.59
C PRO A 307 49.82 -18.29 1.40
N ALA A 308 51.12 -18.15 1.65
CA ALA A 308 51.61 -17.02 2.45
C ALA A 308 51.38 -15.68 1.73
N GLU A 309 51.67 -15.63 0.44
CA GLU A 309 51.53 -14.40 -0.33
C GLU A 309 50.05 -14.04 -0.45
N ALA A 310 49.21 -15.06 -0.65
CA ALA A 310 47.75 -14.83 -0.74
C ALA A 310 47.20 -14.28 0.58
N PHE A 311 47.68 -14.82 1.69
CA PHE A 311 47.25 -14.33 3.00
C PHE A 311 47.75 -12.92 3.27
N LYS A 312 48.98 -12.62 2.84
CA LYS A 312 49.51 -11.26 2.94
C LYS A 312 48.64 -10.25 2.17
N ALA A 313 48.15 -10.66 1.01
CA ALA A 313 47.25 -9.79 0.26
C ALA A 313 45.98 -9.52 1.07
N ILE A 314 45.43 -10.56 1.68
CA ILE A 314 44.21 -10.40 2.49
C ILE A 314 44.46 -9.52 3.71
N GLU A 315 45.61 -9.69 4.36
CA GLU A 315 46.00 -8.77 5.42
C GLU A 315 46.00 -7.32 4.93
N PHE A 316 46.59 -7.10 3.75
CA PHE A 316 46.60 -5.75 3.20
C PHE A 316 45.17 -5.24 2.99
N PHE A 317 44.30 -6.06 2.41
CA PHE A 317 42.93 -5.63 2.22
C PHE A 317 42.31 -5.25 3.57
N ALA A 318 42.45 -6.10 4.57
CA ALA A 318 41.86 -5.84 5.89
C ALA A 318 42.41 -4.55 6.49
N SER A 319 43.69 -4.26 6.25
CA SER A 319 44.31 -3.04 6.79
C SER A 319 43.66 -1.76 6.24
N LYS A 320 42.99 -1.87 5.09
CA LYS A 320 42.33 -0.73 4.46
CA LYS A 320 42.33 -0.73 4.46
C LYS A 320 40.84 -0.63 4.83
N ASP A 321 40.34 -1.57 5.62
CA ASP A 321 38.91 -1.57 5.98
C ASP A 321 38.46 -0.25 6.60
N LYS A 322 39.33 0.40 7.38
CA LYS A 322 39.02 1.68 8.01
C LYS A 322 38.61 2.77 7.02
N ASP A 323 39.03 2.66 5.75
CA ASP A 323 38.71 3.66 4.73
C ASP A 323 37.63 3.19 3.75
N MET A 324 37.06 2.01 3.98
CA MET A 324 36.11 1.44 3.03
C MET A 324 34.88 2.31 2.82
N PHE A 325 34.30 2.83 3.89
CA PHE A 325 33.06 3.59 3.75
C PHE A 325 33.34 4.91 3.05
N LYS A 326 34.38 5.63 3.47
CA LYS A 326 34.61 6.93 2.84
C LYS A 326 34.99 6.79 1.37
N ASN A 327 35.75 5.75 1.01
CA ASN A 327 36.22 5.58 -0.37
C ASN A 327 35.23 4.87 -1.30
N PHE A 328 34.39 3.99 -0.75
CA PHE A 328 33.52 3.15 -1.59
C PHE A 328 32.08 3.07 -1.13
N GLY A 329 31.78 3.60 0.05
CA GLY A 329 30.42 3.50 0.61
C GLY A 329 29.98 2.11 1.01
N GLN A 330 30.95 1.20 1.22
CA GLN A 330 30.66 -0.12 1.76
C GLN A 330 31.10 -0.20 3.21
N LEU A 331 30.63 -1.22 3.92
CA LEU A 331 30.78 -1.29 5.38
C LEU A 331 31.67 -2.45 5.80
N PRO A 332 32.68 -2.19 6.64
CA PRO A 332 33.48 -3.30 7.14
C PRO A 332 32.69 -4.28 7.99
N ALA A 333 33.18 -5.51 8.06
CA ALA A 333 32.52 -6.56 8.85
C ALA A 333 33.04 -6.59 10.29
N ARG A 334 33.35 -5.42 10.82
CA ARG A 334 34.17 -5.33 12.01
C ARG A 334 33.63 -4.38 13.06
N SER A 335 33.65 -4.84 14.30
CA SER A 335 33.26 -4.04 15.46
C SER A 335 34.40 -3.18 16.01
N ASP A 336 35.66 -3.45 15.64
CA ASP A 336 36.78 -2.68 16.18
C ASP A 336 36.94 -1.31 15.55
N ILE A 337 36.31 -1.12 14.37
CA ILE A 337 36.45 0.11 13.61
C ILE A 337 35.07 0.68 13.24
N PRO A 338 34.29 1.12 14.25
CA PRO A 338 33.05 1.80 13.95
C PRO A 338 33.26 2.91 12.89
N VAL A 339 32.33 3.01 11.95
CA VAL A 339 32.51 3.90 10.80
C VAL A 339 32.25 5.35 11.20
N PRO A 340 33.24 6.24 10.99
CA PRO A 340 33.03 7.65 11.31
C PRO A 340 32.21 8.35 10.23
N PRO A 341 31.59 9.49 10.57
CA PRO A 341 30.91 10.25 9.53
C PRO A 341 31.87 10.69 8.43
N THR A 342 31.35 10.78 7.22
CA THR A 342 32.13 11.26 6.09
C THR A 342 32.16 12.77 5.96
N GLY A 343 31.12 13.44 6.48
CA GLY A 343 30.91 14.86 6.27
C GLY A 343 29.91 15.20 5.17
N ASN A 344 29.52 14.22 4.38
CA ASN A 344 28.40 14.38 3.44
C ASN A 344 27.10 14.03 4.15
N ALA A 345 26.15 14.96 4.17
CA ALA A 345 24.92 14.75 4.95
C ALA A 345 24.10 13.56 4.46
N LEU A 346 23.92 13.43 3.16
CA LEU A 346 23.13 12.31 2.61
C LEU A 346 23.80 11.00 2.95
N LYS A 347 25.10 10.92 2.75
CA LYS A 347 25.86 9.70 3.00
C LYS A 347 25.84 9.31 4.47
N ASP A 348 25.94 10.31 5.36
CA ASP A 348 26.01 10.05 6.77
C ASP A 348 24.66 9.62 7.35
N GLU A 349 23.58 10.13 6.76
CA GLU A 349 22.27 9.63 7.14
C GLU A 349 22.08 8.19 6.67
N ALA A 350 22.57 7.89 5.47
CA ALA A 350 22.55 6.50 4.98
C ALA A 350 23.34 5.58 5.91
N LEU A 351 24.52 6.05 6.34
CA LEU A 351 25.34 5.25 7.26
C LEU A 351 24.56 4.91 8.52
N LYS A 352 23.93 5.92 9.12
CA LYS A 352 23.18 5.74 10.37
C LYS A 352 22.10 4.67 10.18
N THR A 353 21.37 4.75 9.08
CA THR A 353 20.29 3.80 8.83
C THR A 353 20.81 2.39 8.61
N PHE A 354 21.85 2.22 7.78
CA PHE A 354 22.38 0.88 7.52
C PHE A 354 23.01 0.27 8.75
N VAL A 355 23.67 1.07 9.57
CA VAL A 355 24.22 0.57 10.83
C VAL A 355 23.08 0.06 11.73
N GLU A 356 21.96 0.80 11.75
CA GLU A 356 20.82 0.39 12.56
C GLU A 356 20.12 -0.85 12.03
N GLN A 357 19.93 -0.93 10.71
CA GLN A 357 19.27 -2.11 10.13
C GLN A 357 20.16 -3.35 10.31
N LEU A 358 21.48 -3.17 10.20
CA LEU A 358 22.44 -4.27 10.33
C LEU A 358 22.29 -4.98 11.68
N LYS A 359 21.88 -4.25 12.71
CA LYS A 359 21.68 -4.84 14.04
C LYS A 359 20.59 -5.92 14.06
N TYR A 360 19.72 -5.91 13.05
CA TYR A 360 18.61 -6.86 12.93
C TYR A 360 18.88 -7.94 11.87
N ALA A 361 20.06 -7.95 11.26
CA ALA A 361 20.35 -8.89 10.17
C ALA A 361 20.61 -10.28 10.72
N GLN A 362 20.11 -11.28 10.01
CA GLN A 362 20.29 -12.68 10.38
C GLN A 362 21.05 -13.41 9.27
N PRO A 363 21.93 -14.36 9.63
CA PRO A 363 22.67 -15.07 8.60
C PRO A 363 21.80 -16.07 7.82
N ARG A 364 22.09 -16.22 6.53
CA ARG A 364 21.57 -17.30 5.74
C ARG A 364 22.44 -18.52 5.96
N GLY A 365 21.90 -19.52 6.64
CA GLY A 365 22.66 -20.71 6.98
C GLY A 365 23.37 -20.47 8.30
N PRO A 366 24.62 -20.94 8.40
CA PRO A 366 25.42 -21.63 7.39
C PRO A 366 24.82 -22.95 6.91
N SER A 367 24.95 -23.21 5.62
CA SER A 367 24.55 -24.48 5.04
C SER A 367 25.32 -24.79 3.78
N PRO A 368 25.97 -25.98 3.71
CA PRO A 368 26.60 -26.34 2.44
C PRO A 368 25.62 -26.50 1.29
N GLU A 369 24.33 -26.60 1.62
CA GLU A 369 23.28 -26.75 0.63
C GLU A 369 22.50 -25.46 0.40
N TRP A 370 23.09 -24.32 0.76
CA TRP A 370 22.36 -23.06 0.63
C TRP A 370 21.77 -22.84 -0.78
N PRO A 371 22.51 -23.11 -1.87
CA PRO A 371 21.91 -22.84 -3.19
C PRO A 371 20.59 -23.57 -3.45
N LYS A 372 20.44 -24.78 -2.93
CA LYS A 372 19.20 -25.54 -3.11
C LYS A 372 18.08 -24.95 -2.26
N ILE A 373 18.42 -24.49 -1.06
CA ILE A 373 17.45 -23.80 -0.22
C ILE A 373 16.98 -22.52 -0.93
N SER A 374 17.93 -21.76 -1.41
CA SER A 374 17.66 -20.50 -2.05
C SER A 374 16.86 -20.70 -3.33
N LYS A 375 17.21 -21.72 -4.12
CA LYS A 375 16.46 -22.01 -5.34
C LYS A 375 14.99 -22.32 -5.03
N ALA A 376 14.73 -23.07 -3.97
CA ALA A 376 13.36 -23.34 -3.55
C ALA A 376 12.59 -22.05 -3.30
N ILE A 377 13.23 -21.10 -2.63
CA ILE A 377 12.60 -19.82 -2.32
C ILE A 377 12.40 -19.00 -3.59
N GLN A 378 13.42 -18.95 -4.44
CA GLN A 378 13.32 -18.25 -5.72
C GLN A 378 12.13 -18.76 -6.54
N ASP A 379 12.00 -20.08 -6.61
CA ASP A 379 10.93 -20.68 -7.39
C ASP A 379 9.54 -20.39 -6.80
N ALA A 380 9.45 -20.34 -5.49
CA ALA A 380 8.20 -19.96 -4.83
C ALA A 380 7.82 -18.53 -5.20
N ILE A 381 8.80 -17.63 -5.09
CA ILE A 381 8.58 -16.23 -5.46
C ILE A 381 8.07 -16.12 -6.90
N GLN A 382 8.75 -16.78 -7.84
CA GLN A 382 8.35 -16.69 -9.24
C GLN A 382 6.99 -17.30 -9.47
N GLY A 383 6.76 -18.47 -8.88
CA GLY A 383 5.47 -19.15 -9.03
C GLY A 383 4.29 -18.32 -8.55
N ALA A 384 4.46 -17.67 -7.40
CA ALA A 384 3.39 -16.84 -6.85
C ALA A 384 3.21 -15.57 -7.68
N LEU A 385 4.32 -14.90 -8.00
CA LEU A 385 4.21 -13.59 -8.67
C LEU A 385 3.65 -13.70 -10.09
N SER A 386 3.88 -14.83 -10.77
CA SER A 386 3.29 -15.07 -12.09
C SER A 386 1.85 -15.62 -12.05
N GLY A 387 1.35 -15.95 -10.87
CA GLY A 387 0.01 -16.51 -10.72
C GLY A 387 -0.12 -18.01 -11.01
N GLN A 388 1.02 -18.67 -11.23
CA GLN A 388 1.06 -20.10 -11.53
C GLN A 388 0.66 -20.94 -10.30
N MET A 389 1.06 -20.46 -9.11
CA MET A 389 0.71 -21.10 -7.85
C MET A 389 0.21 -20.00 -6.92
N THR A 390 -0.66 -20.35 -5.99
CA THR A 390 -1.00 -19.41 -4.91
C THR A 390 0.25 -19.21 -4.03
N PRO A 391 0.33 -18.06 -3.32
CA PRO A 391 1.44 -17.89 -2.39
C PRO A 391 1.58 -19.04 -1.40
N LYS A 392 0.46 -19.50 -0.83
CA LYS A 392 0.45 -20.65 0.08
C LYS A 392 1.02 -21.92 -0.57
N ALA A 393 0.53 -22.28 -1.75
CA ALA A 393 1.02 -23.48 -2.43
C ALA A 393 2.49 -23.34 -2.79
N ALA A 394 2.87 -22.17 -3.26
CA ALA A 394 4.26 -21.90 -3.65
C ALA A 394 5.20 -22.11 -2.44
N LEU A 395 4.85 -21.53 -1.31
CA LEU A 395 5.69 -21.62 -0.13
C LEU A 395 5.63 -23.00 0.53
N ASP A 396 4.46 -23.65 0.49
CA ASP A 396 4.40 -25.03 0.95
C ASP A 396 5.38 -25.90 0.15
N GLN A 397 5.44 -25.74 -1.16
CA GLN A 397 6.37 -26.51 -1.98
C GLN A 397 7.82 -26.22 -1.59
N ALA A 398 8.14 -24.94 -1.44
CA ALA A 398 9.48 -24.55 -1.01
C ALA A 398 9.85 -25.19 0.32
N ALA A 399 8.93 -25.16 1.28
CA ALA A 399 9.21 -25.70 2.60
C ALA A 399 9.49 -27.21 2.53
N GLU A 400 8.74 -27.91 1.68
CA GLU A 400 8.97 -29.34 1.52
C GLU A 400 10.37 -29.61 0.95
N LYS A 401 10.76 -28.85 -0.07
CA LYS A 401 12.10 -29.00 -0.65
C LYS A 401 13.20 -28.70 0.39
N ILE A 402 13.00 -27.64 1.15
CA ILE A 402 14.00 -27.21 2.14
C ILE A 402 14.14 -28.25 3.25
N LYS A 403 13.03 -28.82 3.66
CA LYS A 403 13.03 -29.85 4.71
C LYS A 403 13.94 -30.99 4.31
N LEU A 404 13.92 -31.34 3.03
CA LEU A 404 14.78 -32.40 2.51
C LEU A 404 16.24 -31.98 2.45
N VAL A 405 16.51 -30.81 1.86
CA VAL A 405 17.91 -30.43 1.60
C VAL A 405 18.63 -29.88 2.81
N ASP A 406 17.91 -29.19 3.68
CA ASP A 406 18.51 -28.55 4.85
C ASP A 406 18.67 -29.56 5.96
N ASP B 25 1.16 34.46 0.48
CA ASP B 25 0.16 33.54 -0.15
C ASP B 25 -1.27 34.00 0.09
N VAL B 26 -2.15 33.67 -0.85
CA VAL B 26 -3.59 33.71 -0.61
C VAL B 26 -3.92 32.43 0.15
N THR B 27 -4.52 32.57 1.34
CA THR B 27 -4.89 31.43 2.16
C THR B 27 -6.41 31.19 2.06
N LEU B 28 -6.77 30.00 1.60
CA LEU B 28 -8.17 29.56 1.51
C LEU B 28 -8.48 28.64 2.66
N THR B 29 -9.77 28.58 3.01
CA THR B 29 -10.27 27.57 3.94
C THR B 29 -11.22 26.62 3.22
N LEU B 30 -11.15 25.35 3.62
CA LEU B 30 -11.95 24.31 3.00
C LEU B 30 -12.50 23.39 4.08
N TRP B 31 -13.82 23.16 4.05
CA TRP B 31 -14.48 22.28 4.99
C TRP B 31 -14.99 21.02 4.29
N SER B 32 -14.77 19.87 4.90
CA SER B 32 -15.28 18.61 4.38
C SER B 32 -15.36 17.59 5.50
N LEU B 33 -16.16 16.55 5.29
CA LEU B 33 -16.16 15.44 6.25
CA LEU B 33 -16.23 15.35 6.14
C LEU B 33 -15.06 14.41 5.99
N ASP B 34 -14.30 14.58 4.91
CA ASP B 34 -13.28 13.58 4.59
C ASP B 34 -12.33 13.40 5.78
N ARG B 35 -12.16 12.14 6.14
CA ARG B 35 -11.20 11.74 7.16
CA ARG B 35 -11.20 11.74 7.16
C ARG B 35 -9.78 11.96 6.65
N ASP B 36 -8.82 11.91 7.58
CA ASP B 36 -7.44 12.24 7.26
C ASP B 36 -6.86 11.43 6.10
N ILE B 37 -7.36 10.21 5.93
CA ILE B 37 -6.94 9.33 4.86
C ILE B 37 -7.87 9.33 3.61
N GLN B 38 -8.97 10.08 3.66
CA GLN B 38 -9.89 10.22 2.49
C GLN B 38 -9.40 11.37 1.58
N PRO B 39 -10.06 11.58 0.42
CA PRO B 39 -9.41 12.46 -0.56
C PRO B 39 -9.09 13.89 -0.13
N ALA B 40 -10.04 14.64 0.43
CA ALA B 40 -9.85 16.09 0.56
C ALA B 40 -8.55 16.56 1.24
N PRO B 41 -8.24 16.06 2.46
CA PRO B 41 -7.03 16.59 3.10
C PRO B 41 -5.74 16.20 2.37
N ASN B 42 -5.78 15.08 1.66
CA ASN B 42 -4.61 14.62 0.93
C ASN B 42 -4.42 15.40 -0.37
N LEU B 43 -5.51 15.68 -1.07
CA LEU B 43 -5.48 16.58 -2.20
C LEU B 43 -4.98 17.96 -1.79
N ILE B 44 -5.41 18.43 -0.62
CA ILE B 44 -4.97 19.72 -0.12
C ILE B 44 -3.45 19.73 0.09
N LYS B 45 -2.93 18.68 0.69
CA LYS B 45 -1.49 18.59 0.92
C LYS B 45 -0.70 18.63 -0.39
N GLU B 46 -1.20 17.94 -1.39
CA GLU B 46 -0.58 17.95 -2.71
C GLU B 46 -0.64 19.35 -3.32
N PHE B 47 -1.79 20.00 -3.21
CA PHE B 47 -1.98 21.34 -3.76
C PHE B 47 -1.02 22.32 -3.08
N ASN B 48 -0.95 22.25 -1.75
CA ASN B 48 -0.10 23.16 -1.00
C ASN B 48 1.38 23.02 -1.38
N ALA B 49 1.79 21.80 -1.70
CA ALA B 49 3.18 21.52 -2.10
C ALA B 49 3.56 22.17 -3.41
N LEU B 50 2.58 22.56 -4.22
CA LEU B 50 2.86 23.27 -5.48
C LEU B 50 3.54 24.63 -5.29
N ASN B 51 3.33 25.25 -4.13
CA ASN B 51 3.85 26.59 -3.82
C ASN B 51 3.50 27.56 -4.94
N ASN B 52 2.23 27.54 -5.33
CA ASN B 52 1.72 28.32 -6.45
C ASN B 52 1.10 29.66 -6.01
N GLY B 53 1.40 30.09 -4.80
CA GLY B 53 0.88 31.36 -4.28
C GLY B 53 -0.44 31.22 -3.56
N ILE B 54 -0.96 30.00 -3.49
CA ILE B 54 -2.24 29.72 -2.80
C ILE B 54 -1.97 28.60 -1.80
N LYS B 55 -2.50 28.74 -0.59
CA LYS B 55 -2.45 27.69 0.43
CA LYS B 55 -2.46 27.69 0.41
C LYS B 55 -3.88 27.43 0.90
N ILE B 56 -4.18 26.17 1.24
CA ILE B 56 -5.50 25.78 1.76
C ILE B 56 -5.36 25.23 3.17
N GLU B 57 -6.16 25.77 4.08
CA GLU B 57 -6.29 25.26 5.44
C GLU B 57 -7.59 24.44 5.53
N TYR B 58 -7.46 23.23 6.06
CA TYR B 58 -8.55 22.25 6.11
C TYR B 58 -9.23 22.27 7.47
N ARG B 59 -10.55 22.11 7.47
CA ARG B 59 -11.30 21.77 8.68
C ARG B 59 -12.19 20.56 8.41
N GLN B 60 -11.97 19.51 9.18
CA GLN B 60 -12.82 18.34 9.12
C GLN B 60 -14.11 18.56 9.90
N LEU B 61 -15.23 18.32 9.23
CA LEU B 61 -16.55 18.33 9.85
C LEU B 61 -17.02 16.88 10.12
N GLN B 62 -18.07 16.72 10.92
CA GLN B 62 -18.78 15.45 11.06
C GLN B 62 -19.98 15.43 10.14
N PHE B 63 -20.31 14.26 9.60
CA PHE B 63 -21.42 14.12 8.64
C PHE B 63 -22.66 14.88 9.07
N ASP B 64 -23.03 14.67 10.33
CA ASP B 64 -24.27 15.20 10.90
C ASP B 64 -24.23 16.71 11.13
N ASP B 65 -23.05 17.31 10.99
CA ASP B 65 -22.86 18.74 11.27
C ASP B 65 -22.55 19.58 10.02
N VAL B 66 -22.37 18.95 8.86
CA VAL B 66 -21.95 19.70 7.68
C VAL B 66 -22.94 20.81 7.34
N VAL B 67 -24.21 20.47 7.29
CA VAL B 67 -25.23 21.41 6.84
C VAL B 67 -25.48 22.55 7.85
N SER B 68 -25.66 22.18 9.11
CA SER B 68 -25.97 23.16 10.18
C SER B 68 -24.81 24.12 10.43
N GLU B 69 -23.60 23.57 10.54
CA GLU B 69 -22.41 24.40 10.74
C GLU B 69 -22.17 25.37 9.59
N SER B 70 -22.39 24.89 8.36
N SER B 70 -22.38 24.91 8.35
CA SER B 70 -22.09 25.64 7.16
CA SER B 70 -22.04 25.70 7.18
C SER B 70 -23.10 26.76 6.93
C SER B 70 -23.10 26.76 6.85
N MET B 71 -24.39 26.45 7.07
CA MET B 71 -25.43 27.48 6.87
C MET B 71 -25.36 28.56 7.95
N ARG B 72 -25.13 28.13 9.19
CA ARG B 72 -24.91 29.08 10.29
C ARG B 72 -23.72 29.97 9.99
N ALA B 73 -22.62 29.37 9.56
CA ALA B 73 -21.44 30.15 9.21
C ALA B 73 -21.75 31.15 8.11
N TYR B 74 -22.43 30.70 7.06
CA TYR B 74 -22.78 31.61 5.98
C TYR B 74 -23.65 32.77 6.48
N SER B 75 -24.67 32.46 7.28
CA SER B 75 -25.58 33.47 7.83
C SER B 75 -24.86 34.50 8.72
N THR B 76 -23.81 34.07 9.41
CA THR B 76 -23.04 34.93 10.29
C THR B 76 -21.87 35.66 9.60
N GLY B 77 -21.61 35.31 8.34
CA GLY B 77 -20.54 35.93 7.56
C GLY B 77 -19.21 35.26 7.81
N ASN B 78 -19.30 34.00 8.24
N ASN B 78 -19.26 34.01 8.25
CA ASN B 78 -18.21 33.17 8.75
CA ASN B 78 -18.12 33.24 8.71
C ASN B 78 -17.82 32.00 7.83
C ASN B 78 -17.84 31.98 7.84
N ALA B 79 -18.47 31.87 6.67
CA ALA B 79 -18.32 30.63 5.87
C ALA B 79 -16.89 30.46 5.32
N PRO B 80 -16.46 29.20 5.11
CA PRO B 80 -15.16 28.99 4.47
C PRO B 80 -15.22 29.39 3.01
N ASP B 81 -14.10 29.27 2.31
CA ASP B 81 -14.11 29.53 0.89
C ASP B 81 -14.76 28.37 0.11
N ILE B 82 -14.40 27.14 0.48
CA ILE B 82 -14.81 25.95 -0.24
C ILE B 82 -15.42 24.96 0.74
N ILE B 83 -16.43 24.22 0.27
CA ILE B 83 -17.00 23.12 1.01
C ILE B 83 -17.23 21.95 0.06
N ALA B 84 -17.14 20.73 0.60
CA ALA B 84 -17.65 19.54 -0.07
C ALA B 84 -18.97 19.19 0.61
N ILE B 85 -20.06 19.46 -0.09
CA ILE B 85 -21.43 19.38 0.44
C ILE B 85 -22.10 18.11 -0.13
N ASP B 86 -22.90 17.44 0.69
CA ASP B 86 -23.61 16.24 0.22
C ASP B 86 -24.54 16.67 -0.89
N ASN B 87 -24.63 15.88 -1.96
CA ASN B 87 -25.39 16.32 -3.14
C ASN B 87 -26.85 16.69 -2.87
N PRO B 88 -27.58 15.96 -2.00
CA PRO B 88 -28.97 16.40 -1.77
C PRO B 88 -29.12 17.72 -1.06
N ASN B 89 -28.05 18.22 -0.44
CA ASN B 89 -28.10 19.50 0.25
C ASN B 89 -27.75 20.68 -0.63
N HIS B 90 -27.30 20.41 -1.84
CA HIS B 90 -26.76 21.48 -2.69
C HIS B 90 -27.82 22.53 -3.00
N ALA B 91 -29.03 22.07 -3.33
CA ALA B 91 -30.07 22.98 -3.79
C ALA B 91 -30.47 23.99 -2.70
N MET B 92 -30.51 23.55 -1.45
CA MET B 92 -30.81 24.48 -0.33
C MET B 92 -29.84 25.65 -0.34
N PHE B 93 -28.55 25.37 -0.41
CA PHE B 93 -27.54 26.42 -0.39
C PHE B 93 -27.61 27.27 -1.65
N ALA B 94 -27.69 26.64 -2.81
CA ALA B 94 -27.72 27.34 -4.08
C ALA B 94 -28.94 28.27 -4.18
N SER B 95 -30.10 27.78 -3.74
CA SER B 95 -31.34 28.55 -3.81
C SER B 95 -31.36 29.75 -2.86
N ARG B 96 -30.59 29.67 -1.79
CA ARG B 96 -30.54 30.73 -0.79
C ARG B 96 -29.42 31.74 -1.03
N GLY B 97 -28.69 31.60 -2.14
CA GLY B 97 -27.60 32.53 -2.46
C GLY B 97 -26.30 32.29 -1.68
N ALA B 98 -26.20 31.15 -0.99
CA ALA B 98 -25.01 30.83 -0.20
C ALA B 98 -23.81 30.43 -1.05
N PHE B 99 -24.06 29.94 -2.26
CA PHE B 99 -22.97 29.46 -3.12
C PHE B 99 -22.69 30.41 -4.27
N LEU B 100 -21.41 30.48 -4.65
CA LEU B 100 -20.99 31.28 -5.79
C LEU B 100 -21.43 30.64 -7.11
N ASP B 101 -21.96 31.46 -8.00
CA ASP B 101 -22.30 31.09 -9.36
C ASP B 101 -20.97 30.89 -10.11
N VAL B 102 -20.65 29.64 -10.40
CA VAL B 102 -19.38 29.29 -11.06
C VAL B 102 -19.54 29.02 -12.57
N THR B 103 -20.69 29.39 -13.14
CA THR B 103 -20.99 29.12 -14.54
C THR B 103 -19.90 29.67 -15.47
N ASP B 104 -19.55 30.95 -15.30
CA ASP B 104 -18.56 31.55 -16.19
C ASP B 104 -17.16 31.00 -16.00
N MET B 105 -16.77 30.72 -14.75
CA MET B 105 -15.46 30.12 -14.49
C MET B 105 -15.35 28.72 -15.07
N ILE B 106 -16.44 27.95 -14.97
CA ILE B 106 -16.47 26.62 -15.61
C ILE B 106 -16.32 26.76 -17.13
N ALA B 107 -17.06 27.69 -17.73
CA ALA B 107 -17.01 27.89 -19.18
C ALA B 107 -15.60 28.19 -19.67
N LYS B 108 -14.86 28.98 -18.90
CA LYS B 108 -13.51 29.38 -19.30
C LYS B 108 -12.46 28.31 -18.97
N SER B 109 -12.79 27.39 -18.07
CA SER B 109 -11.87 26.33 -17.69
C SER B 109 -11.58 25.32 -18.81
N ASP B 110 -10.32 24.91 -18.90
CA ASP B 110 -9.89 23.78 -19.73
C ASP B 110 -9.97 22.46 -18.93
N VAL B 111 -9.78 22.57 -17.62
CA VAL B 111 -9.68 21.41 -16.76
C VAL B 111 -11.06 20.83 -16.50
N ILE B 112 -11.99 21.71 -16.15
CA ILE B 112 -13.37 21.32 -15.86
C ILE B 112 -14.27 21.55 -17.07
N LYS B 113 -14.91 20.48 -17.54
CA LYS B 113 -15.84 20.54 -18.68
C LYS B 113 -17.14 19.91 -18.24
N THR B 114 -18.25 20.58 -18.47
CA THR B 114 -19.55 20.05 -18.03
C THR B 114 -19.87 18.71 -18.68
N GLU B 115 -19.46 18.50 -19.93
CA GLU B 115 -19.76 17.24 -20.61
C GLU B 115 -19.02 16.04 -20.00
N ASN B 116 -18.02 16.30 -19.15
CA ASN B 116 -17.29 15.22 -18.47
C ASN B 116 -18.15 14.51 -17.44
N TYR B 117 -19.18 15.20 -16.94
CA TYR B 117 -19.88 14.75 -15.73
C TYR B 117 -21.13 13.93 -16.07
N PHE B 118 -21.39 12.90 -15.27
CA PHE B 118 -22.66 12.20 -15.34
C PHE B 118 -23.81 13.20 -15.11
N PRO B 119 -24.97 12.99 -15.75
CA PRO B 119 -26.01 14.02 -15.68
C PRO B 119 -26.61 14.23 -14.28
N GLY B 120 -26.72 13.17 -13.48
CA GLY B 120 -27.29 13.31 -12.15
C GLY B 120 -26.44 14.19 -11.25
N PRO B 121 -25.14 13.87 -11.14
CA PRO B 121 -24.25 14.72 -10.35
C PRO B 121 -24.24 16.16 -10.85
N LEU B 122 -24.19 16.35 -12.17
CA LEU B 122 -24.16 17.70 -12.73
C LEU B 122 -25.43 18.47 -12.38
N LYS B 123 -26.58 17.83 -12.58
CA LYS B 123 -27.85 18.48 -12.26
C LYS B 123 -27.89 18.88 -10.78
N SER B 124 -27.28 18.09 -9.90
CA SER B 124 -27.34 18.40 -8.46
C SER B 124 -26.64 19.70 -8.08
N VAL B 125 -25.69 20.17 -8.90
CA VAL B 125 -25.02 21.46 -8.63
C VAL B 125 -25.70 22.64 -9.30
N THR B 126 -26.75 22.37 -10.06
CA THR B 126 -27.45 23.39 -10.83
C THR B 126 -28.62 23.98 -10.05
N TRP B 127 -28.86 25.26 -10.27
CA TRP B 127 -30.04 25.91 -9.74
C TRP B 127 -30.36 27.10 -10.65
N ASP B 128 -31.62 27.21 -11.06
CA ASP B 128 -32.05 28.35 -11.89
C ASP B 128 -31.21 28.48 -13.17
N GLY B 129 -30.87 27.35 -13.77
CA GLY B 129 -30.07 27.34 -15.00
C GLY B 129 -28.64 27.87 -14.85
N LYS B 130 -28.13 27.84 -13.63
CA LYS B 130 -26.76 28.24 -13.33
CA LYS B 130 -26.76 28.24 -13.33
C LYS B 130 -26.05 27.11 -12.60
N TYR B 131 -24.73 27.03 -12.75
CA TYR B 131 -23.92 26.09 -11.97
C TYR B 131 -23.44 26.73 -10.67
N PHE B 132 -23.68 26.03 -9.57
CA PHE B 132 -23.29 26.48 -8.23
C PHE B 132 -22.33 25.50 -7.56
N GLY B 133 -21.58 24.75 -8.37
CA GLY B 133 -20.54 23.88 -7.84
C GLY B 133 -20.02 22.98 -8.93
N VAL B 134 -19.19 22.02 -8.51
CA VAL B 134 -18.57 21.03 -9.41
C VAL B 134 -18.62 19.71 -8.66
N PRO B 135 -19.21 18.66 -9.26
CA PRO B 135 -19.23 17.39 -8.53
C PRO B 135 -17.85 16.92 -8.08
N LYS B 136 -17.79 16.41 -6.84
CA LYS B 136 -16.57 15.84 -6.28
C LYS B 136 -16.42 14.37 -6.62
N ALA B 137 -17.45 13.59 -6.32
CA ALA B 137 -17.46 12.15 -6.56
C ALA B 137 -18.89 11.69 -6.65
N THR B 138 -19.11 10.42 -6.94
CA THR B 138 -20.46 9.85 -6.95
C THR B 138 -20.41 8.43 -6.38
N ASN B 139 -21.54 7.97 -5.86
CA ASN B 139 -21.59 6.62 -5.32
C ASN B 139 -23.01 6.12 -5.20
N THR B 140 -23.13 4.87 -4.79
CA THR B 140 -24.39 4.37 -4.24
C THR B 140 -24.01 3.20 -3.35
N ILE B 141 -25.00 2.52 -2.79
CA ILE B 141 -24.75 1.37 -1.91
C ILE B 141 -25.02 0.05 -2.60
N ALA B 142 -24.37 -0.98 -2.08
CA ALA B 142 -24.45 -2.34 -2.60
C ALA B 142 -24.30 -3.33 -1.44
N LEU B 143 -24.37 -4.61 -1.74
CA LEU B 143 -24.36 -5.66 -0.70
C LEU B 143 -23.01 -6.40 -0.66
N TYR B 144 -22.23 -6.10 0.38
CA TYR B 144 -21.02 -6.84 0.69
C TYR B 144 -21.40 -8.14 1.40
N TYR B 145 -20.64 -9.20 1.14
CA TYR B 145 -20.88 -10.46 1.83
C TYR B 145 -19.56 -11.19 2.11
N ASN B 146 -19.51 -11.84 3.27
CA ASN B 146 -18.37 -12.60 3.71
C ASN B 146 -18.49 -14.03 3.18
N LYS B 147 -17.66 -14.35 2.19
CA LYS B 147 -17.75 -15.59 1.48
C LYS B 147 -17.36 -16.77 2.35
N ASP B 148 -16.47 -16.54 3.31
CA ASP B 148 -16.05 -17.61 4.23
C ASP B 148 -17.20 -17.98 5.19
N LEU B 149 -17.94 -16.99 5.65
CA LEU B 149 -19.13 -17.28 6.47
C LEU B 149 -20.25 -17.90 5.65
N PHE B 150 -20.41 -17.48 4.40
CA PHE B 150 -21.35 -18.16 3.50
C PHE B 150 -20.99 -19.66 3.40
N LYS B 151 -19.73 -19.95 3.10
CA LYS B 151 -19.27 -21.34 2.93
C LYS B 151 -19.52 -22.12 4.21
N ALA B 152 -19.17 -21.55 5.35
CA ALA B 152 -19.31 -22.26 6.63
C ALA B 152 -20.77 -22.60 6.95
N ALA B 153 -21.70 -21.76 6.50
CA ALA B 153 -23.11 -21.98 6.75
C ALA B 153 -23.70 -22.98 5.75
N GLY B 154 -22.90 -23.44 4.77
CA GLY B 154 -23.39 -24.30 3.70
C GLY B 154 -24.07 -23.55 2.58
N LEU B 155 -23.93 -22.22 2.54
CA LEU B 155 -24.46 -21.42 1.45
C LEU B 155 -23.47 -21.37 0.28
N ASP B 156 -23.95 -20.94 -0.89
CA ASP B 156 -23.14 -20.89 -2.09
C ASP B 156 -22.58 -19.47 -2.22
N ALA B 157 -21.29 -19.31 -1.91
CA ALA B 157 -20.63 -18.03 -1.96
C ALA B 157 -20.54 -17.43 -3.36
N ALA B 158 -20.74 -18.27 -4.38
CA ALA B 158 -20.77 -17.82 -5.77
C ALA B 158 -22.14 -17.29 -6.18
N LYS B 159 -23.15 -17.52 -5.34
CA LYS B 159 -24.52 -17.17 -5.68
C LYS B 159 -25.16 -16.40 -4.54
N PRO B 160 -24.70 -15.15 -4.33
CA PRO B 160 -25.29 -14.36 -3.26
C PRO B 160 -26.80 -14.05 -3.50
N PRO B 161 -27.50 -13.62 -2.46
CA PRO B 161 -28.95 -13.40 -2.59
C PRO B 161 -29.32 -12.41 -3.70
N GLN B 162 -30.37 -12.75 -4.43
CA GLN B 162 -30.92 -11.93 -5.52
C GLN B 162 -32.22 -11.23 -5.19
N THR B 163 -32.95 -11.75 -4.21
CA THR B 163 -34.26 -11.21 -3.84
C THR B 163 -34.29 -10.94 -2.34
N TRP B 164 -35.28 -10.18 -1.91
CA TRP B 164 -35.42 -9.88 -0.48
C TRP B 164 -35.65 -11.17 0.31
N ASP B 165 -36.50 -12.08 -0.18
CA ASP B 165 -36.72 -13.33 0.53
C ASP B 165 -35.41 -14.11 0.67
N GLU B 166 -34.60 -14.16 -0.38
CA GLU B 166 -33.31 -14.85 -0.32
C GLU B 166 -32.37 -14.15 0.67
N LEU B 167 -32.38 -12.83 0.66
CA LEU B 167 -31.55 -12.04 1.56
C LEU B 167 -31.88 -12.30 3.02
N VAL B 168 -33.18 -12.28 3.33
CA VAL B 168 -33.63 -12.49 4.71
C VAL B 168 -33.36 -13.94 5.14
N ASP B 169 -33.61 -14.89 4.26
CA ASP B 169 -33.30 -16.28 4.57
C ASP B 169 -31.80 -16.47 4.85
N ALA B 170 -30.93 -15.90 4.01
CA ALA B 170 -29.49 -15.99 4.22
C ALA B 170 -29.13 -15.32 5.55
N ALA B 171 -29.73 -14.17 5.83
CA ALA B 171 -29.46 -13.47 7.08
C ALA B 171 -29.83 -14.32 8.30
N ARG B 172 -30.95 -15.04 8.22
CA ARG B 172 -31.33 -15.96 9.31
C ARG B 172 -30.28 -17.04 9.50
N LYS B 173 -29.91 -17.71 8.42
CA LYS B 173 -28.93 -18.79 8.48
CA LYS B 173 -28.94 -18.80 8.50
C LYS B 173 -27.58 -18.32 9.03
N LEU B 174 -27.20 -17.09 8.68
CA LEU B 174 -25.91 -16.51 9.05
C LEU B 174 -25.92 -15.89 10.44
N THR B 175 -27.10 -15.70 11.04
CA THR B 175 -27.19 -15.12 12.38
C THR B 175 -26.88 -16.22 13.40
N ASN B 176 -25.82 -16.00 14.17
CA ASN B 176 -25.25 -16.99 15.06
C ASN B 176 -24.71 -16.24 16.29
N PRO B 177 -25.60 -15.92 17.23
CA PRO B 177 -25.14 -15.17 18.41
C PRO B 177 -24.04 -15.87 19.22
N ALA B 178 -24.02 -17.20 19.23
CA ALA B 178 -22.98 -17.94 19.95
C ALA B 178 -21.59 -17.68 19.40
N LYS B 179 -21.51 -17.30 18.12
CA LYS B 179 -20.24 -16.91 17.49
C LYS B 179 -20.14 -15.40 17.25
N ASN B 180 -21.05 -14.63 17.86
CA ASN B 180 -21.00 -13.15 17.75
C ASN B 180 -21.18 -12.64 16.33
N VAL B 181 -22.05 -13.29 15.57
CA VAL B 181 -22.30 -12.90 14.19
C VAL B 181 -23.77 -12.55 13.97
N TYR B 182 -24.01 -11.34 13.47
CA TYR B 182 -25.31 -10.98 12.88
C TYR B 182 -25.29 -11.31 11.40
N GLY B 183 -26.44 -11.72 10.87
CA GLY B 183 -26.53 -11.99 9.44
C GLY B 183 -26.24 -10.80 8.55
N ILE B 184 -26.62 -9.61 9.00
CA ILE B 184 -26.47 -8.43 8.17
C ILE B 184 -26.21 -7.18 9.00
N SER B 185 -25.52 -6.21 8.40
CA SER B 185 -25.33 -4.90 8.98
C SER B 185 -25.75 -3.84 7.95
N PHE B 186 -26.34 -2.77 8.45
CA PHE B 186 -26.75 -1.64 7.63
C PHE B 186 -26.95 -0.43 8.55
N SER B 187 -27.56 0.63 8.06
CA SER B 187 -27.86 1.78 8.90
C SER B 187 -29.28 2.25 8.72
N ALA B 188 -29.98 2.43 9.84
CA ALA B 188 -31.30 3.04 9.89
C ALA B 188 -31.25 4.32 10.73
N LYS B 189 -30.08 4.92 10.83
CA LYS B 189 -29.83 6.09 11.69
CA LYS B 189 -29.84 6.07 11.70
C LYS B 189 -30.75 7.26 11.33
N ALA B 190 -31.17 8.00 12.35
CA ALA B 190 -32.05 9.16 12.18
C ALA B 190 -31.24 10.37 11.71
N ASN B 191 -30.75 10.23 10.49
CA ASN B 191 -30.01 11.27 9.79
C ASN B 191 -30.09 10.94 8.30
N GLU B 192 -29.34 11.65 7.47
CA GLU B 192 -29.45 11.44 6.04
C GLU B 192 -29.04 10.01 5.62
N GLU B 193 -28.18 9.38 6.41
CA GLU B 193 -27.79 8.00 6.12
C GLU B 193 -28.97 7.02 6.13
N GLY B 194 -29.85 7.17 7.12
CA GLY B 194 -31.01 6.28 7.19
C GLY B 194 -31.89 6.43 5.95
N THR B 195 -32.14 7.67 5.55
CA THR B 195 -32.90 7.93 4.33
C THR B 195 -32.20 7.33 3.10
N PHE B 196 -30.91 7.57 2.99
CA PHE B 196 -30.09 7.05 1.90
C PHE B 196 -30.15 5.52 1.82
N GLN B 197 -30.16 4.88 2.98
CA GLN B 197 -30.23 3.43 3.08
C GLN B 197 -31.63 2.88 2.77
N PHE B 198 -32.68 3.62 3.13
CA PHE B 198 -34.05 3.13 2.97
C PHE B 198 -34.58 3.33 1.55
N LEU B 199 -34.29 4.48 0.96
CA LEU B 199 -34.85 4.80 -0.35
C LEU B 199 -34.69 3.71 -1.41
N PRO B 200 -33.52 3.02 -1.46
CA PRO B 200 -33.40 1.94 -2.46
C PRO B 200 -34.48 0.88 -2.32
N TRP B 201 -34.78 0.49 -1.08
CA TRP B 201 -35.77 -0.56 -0.83
C TRP B 201 -37.16 -0.07 -1.28
N ALA B 202 -37.50 1.15 -0.86
CA ALA B 202 -38.78 1.74 -1.27
C ALA B 202 -38.90 1.86 -2.81
N GLN B 203 -37.82 2.34 -3.43
CA GLN B 203 -37.81 2.56 -4.87
C GLN B 203 -37.91 1.27 -5.67
N MET B 204 -37.19 0.23 -5.24
CA MET B 204 -37.30 -1.06 -5.91
C MET B 204 -38.73 -1.61 -5.87
N ALA B 205 -39.46 -1.28 -4.81
CA ALA B 205 -40.85 -1.71 -4.64
C ALA B 205 -41.85 -0.74 -5.27
N GLY B 206 -41.38 0.29 -6.00
CA GLY B 206 -42.23 1.16 -6.79
C GLY B 206 -42.54 2.51 -6.21
N ALA B 207 -42.02 2.81 -5.02
CA ALA B 207 -42.25 4.10 -4.36
C ALA B 207 -41.17 5.10 -4.75
N THR B 208 -41.36 6.36 -4.36
CA THR B 208 -40.34 7.38 -4.43
C THR B 208 -40.48 8.26 -3.19
N TYR B 209 -39.56 9.18 -2.98
CA TYR B 209 -39.74 10.11 -1.85
C TYR B 209 -41.01 10.96 -1.99
N LYS B 210 -41.48 11.17 -3.21
CA LYS B 210 -42.72 11.91 -3.48
C LYS B 210 -43.98 11.07 -3.23
N ASN B 211 -43.82 9.76 -3.11
CA ASN B 211 -44.93 8.83 -2.89
CA ASN B 211 -44.93 8.83 -2.83
C ASN B 211 -44.40 7.68 -2.01
N ILE B 212 -44.05 8.02 -0.77
CA ILE B 212 -43.30 7.12 0.09
C ILE B 212 -44.17 6.14 0.87
N ASN B 213 -45.50 6.24 0.69
CA ASN B 213 -46.44 5.40 1.44
C ASN B 213 -47.22 4.41 0.59
N THR B 214 -46.65 4.03 -0.54
CA THR B 214 -47.25 2.97 -1.34
C THR B 214 -47.16 1.63 -0.61
N ASP B 215 -47.98 0.66 -1.03
CA ASP B 215 -47.93 -0.66 -0.45
C ASP B 215 -46.50 -1.24 -0.54
N GLY B 216 -45.78 -0.93 -1.62
CA GLY B 216 -44.42 -1.43 -1.78
C GLY B 216 -43.47 -0.83 -0.76
N ALA B 217 -43.62 0.45 -0.47
CA ALA B 217 -42.79 1.08 0.56
C ALA B 217 -43.10 0.50 1.93
N VAL B 218 -44.37 0.20 2.19
CA VAL B 218 -44.75 -0.44 3.45
C VAL B 218 -44.07 -1.81 3.56
N LYS B 219 -44.07 -2.58 2.46
CA LYS B 219 -43.39 -3.88 2.44
C LYS B 219 -41.90 -3.73 2.73
N ALA B 220 -41.28 -2.70 2.15
CA ALA B 220 -39.87 -2.41 2.41
C ALA B 220 -39.61 -2.18 3.90
N LEU B 221 -40.44 -1.34 4.51
CA LEU B 221 -40.27 -1.03 5.92
C LEU B 221 -40.60 -2.25 6.82
N GLU B 222 -41.57 -3.07 6.41
CA GLU B 222 -41.84 -4.33 7.11
C GLU B 222 -40.66 -5.28 7.02
N THR B 223 -39.93 -5.23 5.90
CA THR B 223 -38.77 -6.07 5.76
C THR B 223 -37.64 -5.62 6.70
N TRP B 224 -37.43 -4.31 6.77
CA TRP B 224 -36.50 -3.76 7.77
C TRP B 224 -36.92 -4.18 9.18
N LYS B 225 -38.22 -4.13 9.49
CA LYS B 225 -38.70 -4.55 10.81
CA LYS B 225 -38.68 -4.53 10.80
C LYS B 225 -38.35 -6.01 11.06
N THR B 226 -38.48 -6.85 10.03
CA THR B 226 -38.08 -8.26 10.15
C THR B 226 -36.61 -8.38 10.54
N LEU B 227 -35.74 -7.61 9.89
CA LEU B 227 -34.31 -7.72 10.17
C LEU B 227 -34.01 -7.39 11.63
N LEU B 228 -34.68 -6.37 12.16
CA LEU B 228 -34.46 -5.98 13.55
CA LEU B 228 -34.47 -5.95 13.56
C LEU B 228 -35.20 -6.85 14.54
N ASP B 229 -36.48 -7.16 14.27
CA ASP B 229 -37.29 -7.98 15.17
C ASP B 229 -36.71 -9.36 15.40
N GLU B 230 -36.17 -9.97 14.34
CA GLU B 230 -35.58 -11.30 14.42
C GLU B 230 -34.10 -11.26 14.80
N LYS B 231 -33.59 -10.06 15.09
CA LYS B 231 -32.19 -9.90 15.55
C LYS B 231 -31.20 -10.39 14.52
N LEU B 232 -31.55 -10.17 13.26
CA LEU B 232 -30.66 -10.47 12.14
C LEU B 232 -29.63 -9.37 11.92
N ALA B 233 -29.98 -8.17 12.39
CA ALA B 233 -29.10 -7.02 12.43
C ALA B 233 -29.09 -6.50 13.86
N SER B 234 -28.01 -5.83 14.22
CA SER B 234 -27.86 -5.30 15.57
C SER B 234 -28.94 -4.27 15.89
N PRO B 235 -29.38 -4.19 17.17
CA PRO B 235 -30.25 -3.07 17.55
C PRO B 235 -29.58 -1.71 17.33
N ASP B 236 -28.26 -1.67 17.31
CA ASP B 236 -27.54 -0.43 17.09
C ASP B 236 -27.75 0.12 15.68
N THR B 237 -28.28 -0.69 14.76
CA THR B 237 -28.67 -0.21 13.44
C THR B 237 -29.48 1.07 13.48
N LEU B 238 -30.28 1.23 14.52
CA LEU B 238 -31.15 2.40 14.66
C LEU B 238 -30.39 3.72 14.91
N THR B 239 -29.16 3.62 15.41
CA THR B 239 -28.39 4.79 15.81
C THR B 239 -26.95 4.84 15.26
N ARG B 240 -26.57 3.86 14.45
CA ARG B 240 -25.16 3.69 14.06
C ARG B 240 -24.97 4.11 12.61
N SER B 241 -23.85 4.79 12.34
CA SER B 241 -23.51 5.19 10.96
C SER B 241 -23.17 3.99 10.07
N GLN B 242 -23.21 4.24 8.77
CA GLN B 242 -22.83 3.21 7.79
C GLN B 242 -21.40 2.73 8.03
N TRP B 243 -20.51 3.70 8.22
CA TRP B 243 -19.11 3.43 8.51
C TRP B 243 -18.95 2.54 9.74
N ASP B 244 -19.64 2.89 10.82
CA ASP B 244 -19.48 2.12 12.07
C ASP B 244 -20.16 0.76 11.99
N SER B 245 -21.25 0.66 11.22
CA SER B 245 -21.86 -0.64 10.97
C SER B 245 -20.91 -1.54 10.16
N THR B 246 -20.28 -0.98 9.15
CA THR B 246 -19.41 -1.78 8.30
C THR B 246 -18.14 -2.21 9.02
N ALA B 247 -17.72 -1.43 10.01
CA ALA B 247 -16.59 -1.87 10.83
C ALA B 247 -16.89 -3.24 11.46
N THR B 248 -18.16 -3.50 11.80
CA THR B 248 -18.54 -4.78 12.42
C THR B 248 -18.45 -5.93 11.40
N PHE B 249 -18.79 -5.64 10.15
CA PHE B 249 -18.56 -6.57 9.05
C PHE B 249 -17.06 -6.86 8.88
N ASN B 250 -16.25 -5.81 8.83
CA ASN B 250 -14.80 -5.99 8.65
C ASN B 250 -14.20 -6.87 9.76
N ALA B 251 -14.76 -6.78 10.98
CA ALA B 251 -14.26 -7.54 12.11
C ALA B 251 -14.79 -8.98 12.16
N GLY B 252 -15.70 -9.32 11.26
CA GLY B 252 -16.27 -10.65 11.23
C GLY B 252 -17.48 -10.85 12.12
N ASN B 253 -18.08 -9.74 12.56
CA ASN B 253 -19.25 -9.79 13.45
C ASN B 253 -20.61 -9.58 12.76
N ALA B 254 -20.57 -9.37 11.45
CA ALA B 254 -21.75 -9.32 10.60
C ALA B 254 -21.39 -9.98 9.30
N ALA B 255 -22.25 -10.86 8.79
CA ALA B 255 -21.92 -11.68 7.62
C ALA B 255 -22.10 -10.96 6.30
N MET B 256 -22.92 -9.90 6.30
CA MET B 256 -23.22 -9.08 5.13
C MET B 256 -23.27 -7.63 5.57
N ALA B 257 -23.06 -6.70 4.63
CA ALA B 257 -23.11 -5.27 4.93
C ALA B 257 -23.65 -4.52 3.73
N ILE B 258 -24.57 -3.60 3.97
CA ILE B 258 -25.03 -2.72 2.92
C ILE B 258 -24.34 -1.37 3.12
N SER B 259 -23.46 -1.02 2.20
CA SER B 259 -22.70 0.23 2.29
C SER B 259 -22.11 0.60 0.93
N GLY B 260 -21.30 1.66 0.94
CA GLY B 260 -20.81 2.29 -0.29
C GLY B 260 -19.38 1.96 -0.63
N PRO B 261 -18.86 2.52 -1.75
CA PRO B 261 -17.48 2.26 -2.16
C PRO B 261 -16.46 2.88 -1.20
N TRP B 262 -16.90 3.84 -0.40
CA TRP B 262 -16.04 4.48 0.60
C TRP B 262 -15.49 3.48 1.61
N GLU B 263 -16.09 2.29 1.68
CA GLU B 263 -15.63 1.22 2.57
C GLU B 263 -14.44 0.43 2.03
N ILE B 264 -14.22 0.46 0.71
CA ILE B 264 -13.35 -0.52 0.05
C ILE B 264 -11.92 -0.53 0.60
N ASP B 265 -11.28 0.62 0.64
CA ASP B 265 -9.86 0.63 1.02
C ASP B 265 -9.65 0.14 2.45
N ARG B 266 -10.51 0.56 3.37
CA ARG B 266 -10.43 0.09 4.76
C ARG B 266 -10.73 -1.40 4.86
N MET B 267 -11.71 -1.87 4.08
CA MET B 267 -12.08 -3.29 4.08
C MET B 267 -10.92 -4.16 3.59
N LEU B 268 -10.23 -3.68 2.55
CA LEU B 268 -9.05 -4.41 2.09
C LEU B 268 -7.96 -4.56 3.14
N LYS B 269 -7.81 -3.52 3.96
CA LYS B 269 -6.80 -3.51 5.01
CA LYS B 269 -6.81 -3.51 5.03
C LYS B 269 -7.22 -4.34 6.23
N ASP B 270 -8.51 -4.30 6.56
CA ASP B 270 -9.01 -4.81 7.83
C ASP B 270 -9.74 -6.15 7.80
N ALA B 271 -10.45 -6.45 6.72
CA ALA B 271 -11.24 -7.70 6.65
C ALA B 271 -10.31 -8.87 6.37
N LYS B 272 -10.25 -9.81 7.32
CA LYS B 272 -9.35 -10.96 7.21
C LYS B 272 -10.16 -12.17 6.82
N PHE B 273 -10.85 -12.03 5.71
CA PHE B 273 -11.70 -13.08 5.13
C PHE B 273 -11.90 -12.75 3.66
N ASP B 274 -12.30 -13.76 2.88
CA ASP B 274 -12.67 -13.56 1.49
C ASP B 274 -14.07 -12.95 1.44
N TRP B 275 -14.28 -11.97 0.56
CA TRP B 275 -15.56 -11.30 0.45
C TRP B 275 -15.88 -10.98 -0.99
N GLY B 276 -17.14 -10.66 -1.23
CA GLY B 276 -17.61 -10.19 -2.51
C GLY B 276 -18.58 -9.05 -2.30
N VAL B 277 -19.05 -8.48 -3.40
CA VAL B 277 -20.06 -7.45 -3.35
C VAL B 277 -20.95 -7.62 -4.55
N THR B 278 -22.26 -7.50 -4.33
CA THR B 278 -23.22 -7.70 -5.39
C THR B 278 -24.28 -6.60 -5.36
N LEU B 279 -25.11 -6.56 -6.39
CA LEU B 279 -26.20 -5.60 -6.47
C LEU B 279 -27.16 -5.79 -5.29
N LEU B 280 -27.84 -4.72 -4.94
CA LEU B 280 -28.88 -4.84 -3.89
C LEU B 280 -29.96 -5.79 -4.35
N PRO B 281 -30.34 -6.77 -3.52
CA PRO B 281 -31.42 -7.66 -3.90
C PRO B 281 -32.75 -6.95 -4.14
N VAL B 282 -33.59 -7.53 -5.00
CA VAL B 282 -34.84 -6.93 -5.42
C VAL B 282 -36.05 -7.62 -4.75
N PRO B 283 -37.19 -6.93 -4.66
CA PRO B 283 -38.28 -7.47 -3.82
C PRO B 283 -38.97 -8.72 -4.34
N THR B 284 -39.01 -8.86 -5.66
CA THR B 284 -39.56 -10.05 -6.28
C THR B 284 -38.61 -10.42 -7.41
N PRO B 285 -38.70 -11.68 -7.89
CA PRO B 285 -37.75 -12.05 -8.91
C PRO B 285 -37.91 -11.13 -10.12
N ASP B 286 -36.78 -10.61 -10.56
CA ASP B 286 -36.72 -9.70 -11.72
C ASP B 286 -37.47 -8.35 -11.56
N ALA B 287 -37.71 -7.94 -10.31
CA ALA B 287 -38.14 -6.57 -10.03
C ALA B 287 -36.98 -5.60 -10.32
N PRO B 288 -37.28 -4.31 -10.50
CA PRO B 288 -36.22 -3.39 -10.90
C PRO B 288 -35.19 -3.11 -9.81
N ARG B 289 -33.93 -3.08 -10.21
CA ARG B 289 -32.87 -2.57 -9.33
C ARG B 289 -33.02 -1.06 -9.18
N SER B 290 -32.74 -0.55 -7.99
CA SER B 290 -32.79 0.90 -7.75
C SER B 290 -32.04 1.25 -6.49
N SER B 291 -31.51 2.45 -6.44
CA SER B 291 -30.89 3.00 -5.21
C SER B 291 -30.78 4.52 -5.34
N ALA B 292 -30.18 5.13 -4.34
CA ALA B 292 -30.04 6.59 -4.33
C ALA B 292 -28.64 7.02 -4.70
N MET B 293 -28.55 8.16 -5.37
CA MET B 293 -27.26 8.71 -5.82
C MET B 293 -26.58 9.40 -4.65
N GLY B 294 -25.43 8.87 -4.26
CA GLY B 294 -24.64 9.40 -3.16
C GLY B 294 -23.49 10.29 -3.56
N ASP B 295 -22.86 10.84 -2.54
CA ASP B 295 -21.59 11.55 -2.58
C ASP B 295 -21.73 13.06 -2.78
N TYR B 296 -20.59 13.73 -2.82
CA TYR B 296 -20.47 15.16 -2.53
C TYR B 296 -20.13 15.99 -3.74
N ASN B 297 -20.41 17.29 -3.61
CA ASN B 297 -20.08 18.30 -4.60
C ASN B 297 -19.16 19.34 -4.00
N TRP B 298 -18.19 19.81 -4.77
CA TRP B 298 -17.43 21.00 -4.42
C TRP B 298 -18.32 22.23 -4.62
N ALA B 299 -18.19 23.18 -3.70
CA ALA B 299 -18.88 24.47 -3.85
C ALA B 299 -18.02 25.56 -3.24
N ILE B 300 -18.17 26.76 -3.78
CA ILE B 300 -17.51 27.96 -3.25
C ILE B 300 -18.60 28.82 -2.61
N PHE B 301 -18.35 29.32 -1.40
CA PHE B 301 -19.35 30.18 -0.76
C PHE B 301 -19.35 31.55 -1.45
N SER B 302 -20.52 32.18 -1.50
CA SER B 302 -20.75 33.31 -2.40
C SER B 302 -19.99 34.59 -2.06
N LYS B 303 -19.59 34.75 -0.80
CA LYS B 303 -18.88 35.96 -0.38
C LYS B 303 -17.38 35.73 -0.20
N THR B 304 -16.87 34.66 -0.80
CA THR B 304 -15.42 34.46 -0.80
C THR B 304 -14.72 35.71 -1.33
N LYS B 305 -13.61 36.04 -0.70
CA LYS B 305 -12.74 37.13 -1.18
C LYS B 305 -11.77 36.67 -2.26
N HIS B 306 -11.77 35.36 -2.56
CA HIS B 306 -10.78 34.77 -3.46
C HIS B 306 -11.43 33.77 -4.41
N PRO B 307 -12.40 34.24 -5.21
CA PRO B 307 -13.11 33.30 -6.09
C PRO B 307 -12.22 32.62 -7.10
N ALA B 308 -11.27 33.34 -7.69
CA ALA B 308 -10.38 32.73 -8.70
C ALA B 308 -9.49 31.65 -8.08
N GLU B 309 -8.93 31.92 -6.92
CA GLU B 309 -8.03 30.99 -6.27
C GLU B 309 -8.80 29.76 -5.79
N ALA B 310 -10.01 29.98 -5.27
CA ALA B 310 -10.85 28.87 -4.84
C ALA B 310 -11.20 27.97 -6.04
N PHE B 311 -11.51 28.58 -7.17
CA PHE B 311 -11.83 27.80 -8.37
C PHE B 311 -10.61 27.04 -8.88
N LYS B 312 -9.42 27.68 -8.81
CA LYS B 312 -8.20 26.99 -9.18
C LYS B 312 -7.97 25.74 -8.33
N ALA B 313 -8.27 25.82 -7.05
CA ALA B 313 -8.16 24.66 -6.16
C ALA B 313 -9.08 23.55 -6.64
N ILE B 314 -10.30 23.90 -6.99
CA ILE B 314 -11.28 22.91 -7.46
C ILE B 314 -10.83 22.30 -8.80
N GLU B 315 -10.31 23.12 -9.71
CA GLU B 315 -9.71 22.58 -10.93
C GLU B 315 -8.61 21.56 -10.60
N PHE B 316 -7.74 21.88 -9.64
CA PHE B 316 -6.70 20.94 -9.24
C PHE B 316 -7.33 19.64 -8.74
N PHE B 317 -8.33 19.74 -7.86
CA PHE B 317 -8.99 18.53 -7.36
C PHE B 317 -9.52 17.70 -8.53
N ALA B 318 -10.24 18.34 -9.43
CA ALA B 318 -10.80 17.64 -10.60
C ALA B 318 -9.70 16.97 -11.43
N SER B 319 -8.56 17.63 -11.57
CA SER B 319 -7.45 17.05 -12.35
C SER B 319 -6.93 15.73 -11.80
N LYS B 320 -7.16 15.48 -10.52
CA LYS B 320 -6.75 14.25 -9.85
C LYS B 320 -7.83 13.18 -9.83
N ASP B 321 -9.01 13.46 -10.38
CA ASP B 321 -10.10 12.48 -10.34
C ASP B 321 -9.71 11.13 -10.96
N LYS B 322 -8.88 11.16 -12.01
CA LYS B 322 -8.41 9.93 -12.66
C LYS B 322 -7.73 8.94 -11.71
N ASP B 323 -7.19 9.44 -10.59
CA ASP B 323 -6.49 8.60 -9.61
C ASP B 323 -7.31 8.31 -8.36
N MET B 324 -8.55 8.79 -8.30
CA MET B 324 -9.35 8.69 -7.07
C MET B 324 -9.59 7.24 -6.64
N PHE B 325 -9.92 6.36 -7.58
CA PHE B 325 -10.27 4.99 -7.20
C PHE B 325 -9.02 4.26 -6.74
N LYS B 326 -7.91 4.38 -7.48
CA LYS B 326 -6.73 3.62 -7.09
C LYS B 326 -6.17 4.13 -5.75
N ASN B 327 -6.25 5.43 -5.51
CA ASN B 327 -5.68 6.00 -4.27
C ASN B 327 -6.58 5.98 -3.05
N PHE B 328 -7.89 6.04 -3.27
CA PHE B 328 -8.85 6.18 -2.17
C PHE B 328 -10.05 5.24 -2.22
N GLY B 329 -10.22 4.52 -3.32
CA GLY B 329 -11.38 3.63 -3.48
C GLY B 329 -12.72 4.35 -3.63
N GLN B 330 -12.69 5.63 -4.00
CA GLN B 330 -13.88 6.38 -4.30
C GLN B 330 -14.01 6.59 -5.81
N LEU B 331 -15.18 6.96 -6.27
CA LEU B 331 -15.50 6.98 -7.70
C LEU B 331 -15.74 8.39 -8.20
N PRO B 332 -15.07 8.77 -9.29
CA PRO B 332 -15.37 10.08 -9.88
C PRO B 332 -16.80 10.20 -10.40
N ALA B 333 -17.29 11.44 -10.45
CA ALA B 333 -18.63 11.72 -10.97
C ALA B 333 -18.67 11.94 -12.47
N ARG B 334 -17.81 11.22 -13.19
CA ARG B 334 -17.46 11.56 -14.56
C ARG B 334 -17.50 10.39 -15.51
N SER B 335 -18.10 10.62 -16.65
CA SER B 335 -18.14 9.65 -17.75
C SER B 335 -16.90 9.70 -18.65
N ASP B 336 -16.11 10.78 -18.59
CA ASP B 336 -14.94 10.89 -19.48
C ASP B 336 -13.76 10.04 -19.05
N ILE B 337 -13.76 9.62 -17.78
CA ILE B 337 -12.68 8.84 -17.19
C ILE B 337 -13.21 7.55 -16.54
N PRO B 338 -13.71 6.61 -17.36
CA PRO B 338 -14.07 5.31 -16.82
C PRO B 338 -12.93 4.73 -15.99
N VAL B 339 -13.27 4.13 -14.85
CA VAL B 339 -12.27 3.71 -13.89
C VAL B 339 -11.58 2.41 -14.34
N PRO B 340 -10.26 2.43 -14.48
CA PRO B 340 -9.56 1.22 -14.87
C PRO B 340 -9.39 0.25 -13.69
N PRO B 341 -9.15 -1.03 -13.98
CA PRO B 341 -8.87 -1.96 -12.88
C PRO B 341 -7.62 -1.54 -12.12
N THR B 342 -7.62 -1.83 -10.84
CA THR B 342 -6.46 -1.57 -9.99
C THR B 342 -5.41 -2.67 -10.03
N GLY B 343 -5.84 -3.90 -10.32
CA GLY B 343 -4.98 -5.07 -10.19
C GLY B 343 -5.20 -5.88 -8.92
N ASN B 344 -5.92 -5.32 -7.95
CA ASN B 344 -6.36 -6.07 -6.79
C ASN B 344 -7.70 -6.74 -7.09
N ALA B 345 -7.76 -8.07 -6.95
CA ALA B 345 -8.95 -8.81 -7.36
C ALA B 345 -10.20 -8.41 -6.57
N LEU B 346 -10.08 -8.31 -5.24
CA LEU B 346 -11.22 -7.94 -4.43
C LEU B 346 -11.72 -6.55 -4.78
N LYS B 347 -10.77 -5.61 -4.90
CA LYS B 347 -11.12 -4.23 -5.22
C LYS B 347 -11.77 -4.10 -6.60
N ASP B 348 -11.27 -4.85 -7.56
CA ASP B 348 -11.75 -4.77 -8.93
C ASP B 348 -13.13 -5.40 -9.12
N GLU B 349 -13.42 -6.44 -8.33
CA GLU B 349 -14.78 -6.96 -8.28
C GLU B 349 -15.74 -5.95 -7.65
N ALA B 350 -15.28 -5.28 -6.59
CA ALA B 350 -16.09 -4.23 -5.99
C ALA B 350 -16.38 -3.11 -6.97
N LEU B 351 -15.35 -2.73 -7.73
CA LEU B 351 -15.51 -1.69 -8.73
C LEU B 351 -16.62 -2.07 -9.72
N LYS B 352 -16.55 -3.29 -10.25
CA LYS B 352 -17.54 -3.78 -11.22
C LYS B 352 -18.95 -3.67 -10.66
N THR B 353 -19.11 -4.09 -9.41
CA THR B 353 -20.44 -4.07 -8.80
C THR B 353 -20.95 -2.65 -8.57
N PHE B 354 -20.10 -1.77 -8.05
CA PHE B 354 -20.56 -0.41 -7.79
C PHE B 354 -20.85 0.35 -9.07
N VAL B 355 -20.04 0.12 -10.10
CA VAL B 355 -20.31 0.73 -11.41
C VAL B 355 -21.67 0.26 -11.94
N GLU B 356 -21.98 -1.01 -11.75
CA GLU B 356 -23.27 -1.55 -12.20
C GLU B 356 -24.46 -1.03 -11.39
N GLN B 357 -24.30 -0.97 -10.07
CA GLN B 357 -25.39 -0.47 -9.23
C GLN B 357 -25.61 1.02 -9.48
N LEU B 358 -24.54 1.76 -9.73
CA LEU B 358 -24.62 3.20 -10.00
C LEU B 358 -25.55 3.51 -11.17
N LYS B 359 -25.63 2.59 -12.12
CA LYS B 359 -26.49 2.77 -13.30
C LYS B 359 -27.97 2.85 -12.94
N TYR B 360 -28.31 2.37 -11.75
CA TYR B 360 -29.67 2.37 -11.24
C TYR B 360 -29.94 3.45 -10.19
N ALA B 361 -28.96 4.29 -9.90
CA ALA B 361 -29.11 5.28 -8.85
C ALA B 361 -29.99 6.43 -9.31
N GLN B 362 -30.81 6.94 -8.39
CA GLN B 362 -31.70 8.07 -8.67
C GLN B 362 -31.38 9.21 -7.73
N PRO B 363 -31.48 10.46 -8.21
CA PRO B 363 -31.15 11.57 -7.32
C PRO B 363 -32.21 11.84 -6.27
N ARG B 364 -31.76 12.27 -5.09
CA ARG B 364 -32.64 12.80 -4.07
C ARG B 364 -32.90 14.27 -4.38
N GLY B 365 -34.11 14.58 -4.81
CA GLY B 365 -34.44 15.94 -5.24
C GLY B 365 -34.09 16.10 -6.71
N PRO B 366 -33.53 17.27 -7.09
CA PRO B 366 -33.19 18.37 -6.19
C PRO B 366 -34.39 19.03 -5.51
N SER B 367 -34.17 19.44 -4.25
CA SER B 367 -35.13 20.18 -3.46
C SER B 367 -34.43 21.06 -2.42
N PRO B 368 -34.75 22.37 -2.39
CA PRO B 368 -34.23 23.19 -1.29
C PRO B 368 -34.71 22.78 0.09
N GLU B 369 -35.77 21.96 0.13
CA GLU B 369 -36.35 21.49 1.37
C GLU B 369 -36.00 20.02 1.64
N TRP B 370 -34.93 19.52 1.01
CA TRP B 370 -34.57 18.13 1.23
C TRP B 370 -34.49 17.71 2.71
N PRO B 371 -33.87 18.51 3.59
CA PRO B 371 -33.77 18.05 4.98
C PRO B 371 -35.10 17.75 5.65
N LYS B 372 -36.13 18.50 5.29
CA LYS B 372 -37.46 18.26 5.86
C LYS B 372 -38.09 17.00 5.29
N ILE B 373 -37.86 16.75 4.00
CA ILE B 373 -38.30 15.53 3.37
C ILE B 373 -37.61 14.33 4.04
N SER B 374 -36.30 14.44 4.17
CA SER B 374 -35.51 13.39 4.74
C SER B 374 -35.87 13.13 6.21
N LYS B 375 -36.09 14.20 6.97
CA LYS B 375 -36.50 14.04 8.37
C LYS B 375 -37.81 13.27 8.49
N ALA B 376 -38.76 13.57 7.60
CA ALA B 376 -40.02 12.84 7.59
C ALA B 376 -39.78 11.33 7.42
N ILE B 377 -38.88 10.98 6.50
CA ILE B 377 -38.58 9.58 6.25
C ILE B 377 -37.84 8.96 7.44
N GLN B 378 -36.86 9.67 7.97
CA GLN B 378 -36.13 9.21 9.17
C GLN B 378 -37.12 8.89 10.31
N ASP B 379 -38.06 9.79 10.54
CA ASP B 379 -38.99 9.61 11.65
C ASP B 379 -39.94 8.42 11.42
N ALA B 380 -40.32 8.20 10.17
CA ALA B 380 -41.13 7.01 9.83
C ALA B 380 -40.35 5.74 10.12
N ILE B 381 -39.10 5.71 9.69
CA ILE B 381 -38.23 4.55 9.94
C ILE B 381 -38.13 4.27 11.45
N GLN B 382 -37.85 5.31 12.24
CA GLN B 382 -37.71 5.12 13.68
C GLN B 382 -39.04 4.71 14.31
N GLY B 383 -40.12 5.35 13.90
CA GLY B 383 -41.43 5.04 14.46
C GLY B 383 -41.84 3.60 14.22
N ALA B 384 -41.60 3.11 13.02
CA ALA B 384 -41.94 1.72 12.70
C ALA B 384 -41.02 0.73 13.41
N LEU B 385 -39.71 0.99 13.35
CA LEU B 385 -38.76 0.01 13.89
C LEU B 385 -38.86 -0.13 15.42
N SER B 386 -39.29 0.94 16.10
CA SER B 386 -39.49 0.87 17.56
C SER B 386 -40.88 0.34 17.97
N GLY B 387 -41.77 0.14 17.00
CA GLY B 387 -43.12 -0.35 17.25
C GLY B 387 -44.10 0.71 17.73
N GLN B 388 -43.69 1.97 17.67
CA GLN B 388 -44.54 3.11 18.10
C GLN B 388 -45.70 3.34 17.10
N MET B 389 -45.42 3.11 15.82
CA MET B 389 -46.39 3.23 14.75
C MET B 389 -46.26 1.99 13.89
N THR B 390 -47.34 1.60 13.24
CA THR B 390 -47.23 0.56 12.21
C THR B 390 -46.46 1.14 11.01
N PRO B 391 -45.83 0.27 10.20
CA PRO B 391 -45.18 0.78 9.01
C PRO B 391 -46.08 1.64 8.13
N LYS B 392 -47.33 1.19 7.93
CA LYS B 392 -48.29 1.97 7.16
C LYS B 392 -48.56 3.35 7.77
N ALA B 393 -48.87 3.40 9.06
CA ALA B 393 -49.15 4.69 9.72
C ALA B 393 -47.91 5.60 9.67
N ALA B 394 -46.75 5.01 9.91
CA ALA B 394 -45.49 5.78 9.88
C ALA B 394 -45.28 6.43 8.50
N LEU B 395 -45.43 5.64 7.44
CA LEU B 395 -45.19 6.16 6.10
C LEU B 395 -46.32 7.08 5.63
N ASP B 396 -47.55 6.79 6.04
CA ASP B 396 -48.65 7.72 5.76
C ASP B 396 -48.33 9.10 6.34
N GLN B 397 -47.83 9.14 7.57
CA GLN B 397 -47.47 10.41 8.20
C GLN B 397 -46.36 11.11 7.42
N ALA B 398 -45.32 10.36 7.05
CA ALA B 398 -44.23 10.92 6.27
C ALA B 398 -44.73 11.51 4.95
N ALA B 399 -45.61 10.78 4.26
CA ALA B 399 -46.11 11.24 2.97
C ALA B 399 -46.88 12.56 3.13
N GLU B 400 -47.66 12.68 4.20
CA GLU B 400 -48.41 13.92 4.44
C GLU B 400 -47.42 15.09 4.66
N LYS B 401 -46.39 14.87 5.46
CA LYS B 401 -45.39 15.90 5.68
C LYS B 401 -44.69 16.31 4.38
N ILE B 402 -44.33 15.31 3.58
CA ILE B 402 -43.58 15.57 2.35
C ILE B 402 -44.45 16.33 1.35
N LYS B 403 -45.73 15.99 1.28
CA LYS B 403 -46.67 16.67 0.38
C LYS B 403 -46.65 18.15 0.65
N LEU B 404 -46.58 18.53 1.92
CA LEU B 404 -46.54 19.93 2.32
C LEU B 404 -45.20 20.58 1.95
N VAL B 405 -44.09 19.93 2.31
CA VAL B 405 -42.77 20.58 2.18
C VAL B 405 -42.22 20.55 0.76
N ASP B 406 -42.51 19.47 0.03
CA ASP B 406 -41.94 19.27 -1.30
C ASP B 406 -42.72 20.08 -2.32
C1 GOL C . 23.38 -10.92 -1.58
O1 GOL C . 23.42 -12.35 -1.59
C2 GOL C . 24.73 -10.36 -1.16
O2 GOL C . 25.15 -10.97 0.08
C3 GOL C . 24.59 -8.86 -1.01
O3 GOL C . 25.89 -8.24 -0.80
C1 GOL D . 20.01 15.61 3.68
O1 GOL D . 20.39 14.45 4.46
C2 GOL D . 18.52 15.92 3.80
O2 GOL D . 17.72 14.88 3.20
C3 GOL D . 18.13 16.06 5.27
O3 GOL D . 16.77 16.52 5.42
C1 GOL E . -25.25 9.96 1.88
O1 GOL E . -26.19 11.04 1.99
C2 GOL E . -24.06 10.40 1.06
O2 GOL E . -24.48 11.00 -0.20
C3 GOL E . -23.21 9.17 0.79
O3 GOL E . -21.94 9.56 0.19
C1 GOL F . -12.97 -14.30 -6.05
O1 GOL F . -13.65 -15.55 -5.85
C2 GOL F . -12.42 -13.78 -4.73
O2 GOL F . -13.52 -13.45 -3.86
C3 GOL F . -11.53 -12.56 -4.97
O3 GOL F . -12.23 -11.50 -5.66
#